data_7K7L
#
_entry.id   7K7L
#
_cell.length_a   194.398
_cell.length_b   70.766
_cell.length_c   111.236
_cell.angle_alpha   90.000
_cell.angle_beta   110.580
_cell.angle_gamma   90.000
#
_symmetry.space_group_name_H-M   'C 1 2 1'
#
loop_
_entity.id
_entity.type
_entity.pdbx_description
1 polymer 'Beta-adrenergic receptor kinase 1'
2 polymer 'Guanine nucleotide-binding protein G(I)/G(S)/G(T) subunit beta-1'
3 polymer 'Guanine nucleotide-binding protein G(I)/G(S)/G(O) subunit gamma-2'
4 non-polymer 'MAGNESIUM ION'
5 non-polymer 3-benzyl-6-(1H-pyrazol-4-yl)quinazolin-4(3H)-one
#
loop_
_entity_poly.entity_id
_entity_poly.type
_entity_poly.pdbx_seq_one_letter_code
_entity_poly.pdbx_strand_id
1 'polypeptide(L)'
;KKILLPEPSIRSVMQKYLEDRGEVTFEKIFSQKLGYLLFRDFCLNHLEEARPLVEFYEEIKKYEKLETEEERVARSREIF
DSYIMKELLACSHPFSKSATEHVQGHLGKKQVPPDLFQPYIEEICQNLRGDVFQKFIESDKFTRFCQWKNVELNIHLTMN
DFSVHRIIGRGGFGEVYGCRKADTGKMYAMKCLDKKRIKMKQGETLALNERIMLSLVSTGDCPFIVCMSYAFHTPDKLSF
ILDLMNGGDLHYHLSQHGVFSEADMRFYAAEIILGLEHMHNRFVVYRDLKPANILLDEHGHVRISDLGLACDFSKKKPHA
SVGTHGYMAPEVLQKGVAYDSSADWFSLGCMLFKLLRGHSPFRQHKTKDKHEIDRMTLTMAVELPDSFSPELRSLLEGLL
QRDVNRRLGCLGRGAQEVKESPFFRSLDWQMVFLQKYPPPLIPPRGEVNAADAFDIGSFDEEDTKGIKLLDSDQELYRNF
PLTISERWQQEVAETVFDTINAETDRLEARKKAKNKQLGHEEDYALGKDCIMHGYMSKMGNPFLTQWQRRYFYLFPNRLE
WRGEGEAPQSLLTMEEIQSVEETQIKERKCLLLKIRGGKQFILQCDSDPELVQWKKELRDAYREAQQLVQRVPKMKNKPA
;
A
2 'polypeptide(L)'
;SELDQLRQEAEQLKNQIRDARKACADATLSQITNNIDPVGRIQMRTRRTLRGHLAKIYAMHWGTDSRLLVSASQDGKLII
WDSYTTNKVHAIPLRSSWVMTCAYAPSGNYVACGGLDNICSIYNLKTREGNVRVSRELAGHTGYLSCCRFLDDNQIVTSS
GDTTCALWDIETGQQTTTFTGHTGDVMSLSLAPDTRLFVSGACDASAKLWDVREGMCRQTFTGHESDINAICFFPNGNAF
ATGSDDATCRLFDLRADQELMTYSHDNIICGITSVSFSKSGRLLLAGYDDFNCNVWDALKADRAGVLAGHDNRVSCLGVT
DDGMAVATGSWDSFLKIWN
;
B
3 'polypeptide(L)' TASIAQARKLVEQLKMEANIDRIKVSKAAADLMAYCEAHAKEDPLLTPVPASENPFREK G
#
loop_
_chem_comp.id
_chem_comp.type
_chem_comp.name
_chem_comp.formula
MG non-polymer 'MAGNESIUM ION' 'Mg 2'
W4D non-polymer 3-benzyl-6-(1H-pyrazol-4-yl)quinazolin-4(3H)-one 'C18 H14 N4 O'
#
# COMPACT_ATOMS: atom_id res chain seq x y z
N LYS A 1 26.96 -13.26 4.70
CA LYS A 1 26.35 -13.70 5.94
C LYS A 1 25.98 -12.50 6.81
N LYS A 2 26.45 -11.33 6.42
CA LYS A 2 26.13 -10.09 7.11
C LYS A 2 24.70 -9.65 6.80
N ILE A 3 24.12 -8.82 7.66
CA ILE A 3 22.79 -8.29 7.42
C ILE A 3 22.85 -7.12 6.43
N LEU A 4 22.00 -7.17 5.42
CA LEU A 4 21.91 -6.09 4.45
C LEU A 4 20.51 -5.49 4.45
N LEU A 5 20.41 -4.22 4.84
CA LEU A 5 19.13 -3.55 4.86
C LEU A 5 18.68 -3.19 3.45
N PRO A 6 17.37 -3.36 3.16
CA PRO A 6 16.82 -2.93 1.89
C PRO A 6 16.95 -1.42 1.74
N GLU A 7 16.98 -0.93 0.50
CA GLU A 7 17.07 0.51 0.27
C GLU A 7 15.84 1.22 0.81
N PRO A 8 15.99 2.50 1.16
CA PRO A 8 14.92 3.29 1.78
C PRO A 8 13.66 3.37 0.93
N SER A 9 13.75 2.96 -0.33
CA SER A 9 12.59 2.93 -1.21
C SER A 9 11.60 1.85 -0.77
N ILE A 10 12.05 0.97 0.12
CA ILE A 10 11.22 -0.11 0.64
C ILE A 10 10.08 0.44 1.48
N ARG A 11 10.21 1.70 1.88
CA ARG A 11 9.19 2.38 2.67
C ARG A 11 7.84 2.40 1.95
N SER A 12 7.89 2.65 0.65
CA SER A 12 6.67 2.78 -0.15
C SER A 12 5.80 1.53 -0.04
N VAL A 13 6.45 0.38 0.01
CA VAL A 13 5.75 -0.90 0.12
C VAL A 13 5.42 -1.23 1.57
N MET A 14 6.41 -1.07 2.45
CA MET A 14 6.26 -1.48 3.85
C MET A 14 5.22 -0.66 4.59
N GLN A 15 5.18 0.65 4.34
CA GLN A 15 4.25 1.52 5.04
C GLN A 15 2.80 1.15 4.73
N LYS A 16 2.54 0.80 3.47
CA LYS A 16 1.20 0.39 3.07
C LYS A 16 0.86 -0.98 3.66
N TYR A 17 1.89 -1.81 3.82
CA TYR A 17 1.71 -3.14 4.40
C TYR A 17 1.37 -3.03 5.88
N LEU A 18 2.05 -2.14 6.59
CA LEU A 18 1.85 -1.99 8.02
C LEU A 18 0.53 -1.27 8.34
N GLU A 19 0.20 -0.23 7.57
CA GLU A 19 -1.04 0.51 7.79
C GLU A 19 -2.26 -0.37 7.55
N ASP A 20 -2.13 -1.31 6.60
CA ASP A 20 -3.17 -2.28 6.34
C ASP A 20 -3.45 -3.13 7.58
N ARG A 21 -2.41 -3.40 8.36
CA ARG A 21 -2.55 -4.20 9.57
C ARG A 21 -2.64 -3.32 10.80
N GLY A 22 -2.66 -2.00 10.58
CA GLY A 22 -2.75 -1.05 11.67
C GLY A 22 -1.55 -1.08 12.59
N GLU A 23 -0.40 -1.43 12.04
CA GLU A 23 0.83 -1.50 12.81
C GLU A 23 1.47 -0.12 12.94
N VAL A 24 0.93 0.86 12.23
CA VAL A 24 1.52 2.20 12.22
C VAL A 24 0.86 3.10 13.25
N THR A 25 0.95 2.71 14.52
CA THR A 25 0.45 3.52 15.61
C THR A 25 1.58 3.82 16.57
N PHE A 26 1.39 4.84 17.40
CA PHE A 26 2.40 5.20 18.38
C PHE A 26 2.67 4.07 19.36
N GLU A 27 1.61 3.44 19.85
CA GLU A 27 1.73 2.39 20.86
C GLU A 27 2.40 1.15 20.30
N LYS A 28 2.06 0.79 19.07
CA LYS A 28 2.59 -0.44 18.46
C LYS A 28 4.06 -0.31 18.05
N ILE A 29 4.46 0.90 17.66
CA ILE A 29 5.84 1.15 17.28
C ILE A 29 6.71 1.43 18.49
N PHE A 30 6.16 2.15 19.46
CA PHE A 30 6.88 2.52 20.67
C PHE A 30 7.18 1.30 21.53
N SER A 31 6.27 0.34 21.51
CA SER A 31 6.40 -0.88 22.31
C SER A 31 7.50 -1.79 21.77
N GLN A 32 7.90 -1.56 20.52
CA GLN A 32 8.94 -2.37 19.90
C GLN A 32 10.33 -1.82 20.22
N LYS A 33 11.28 -2.71 20.48
CA LYS A 33 12.61 -2.30 20.87
C LYS A 33 13.29 -1.49 19.76
N LEU A 34 13.26 -2.02 18.53
CA LEU A 34 13.85 -1.31 17.40
C LEU A 34 13.05 -0.06 17.07
N GLY A 35 11.73 -0.14 17.25
CA GLY A 35 10.86 1.00 17.03
C GLY A 35 11.16 2.12 17.99
N TYR A 36 11.34 1.77 19.26
CA TYR A 36 11.66 2.75 20.29
C TYR A 36 13.03 3.38 20.05
N LEU A 37 14.01 2.54 19.72
CA LEU A 37 15.37 3.02 19.47
C LEU A 37 15.41 4.07 18.36
N LEU A 38 14.65 3.83 17.30
CA LEU A 38 14.63 4.76 16.17
C LEU A 38 13.80 6.00 16.51
N PHE A 39 12.78 5.82 17.34
CA PHE A 39 11.92 6.93 17.75
C PHE A 39 12.65 7.89 18.69
N ARG A 40 13.43 7.34 19.62
CA ARG A 40 14.20 8.16 20.54
C ARG A 40 15.30 8.88 19.79
N ASP A 41 15.84 8.23 18.76
CA ASP A 41 16.86 8.84 17.91
C ASP A 41 16.33 10.11 17.26
N PHE A 42 15.14 10.00 16.68
CA PHE A 42 14.50 11.13 16.02
C PHE A 42 14.16 12.25 17.01
N CYS A 43 13.63 11.87 18.17
CA CYS A 43 13.21 12.84 19.17
C CYS A 43 14.39 13.55 19.83
N LEU A 44 15.51 12.84 20.00
CA LEU A 44 16.67 13.39 20.68
C LEU A 44 17.60 14.18 19.76
N ASN A 45 17.41 14.03 18.45
CA ASN A 45 18.34 14.63 17.51
C ASN A 45 17.68 15.47 16.42
N HIS A 46 16.38 15.29 16.20
CA HIS A 46 15.74 15.95 15.07
C HIS A 46 14.38 16.56 15.41
N LEU A 47 14.14 16.82 16.69
CA LEU A 47 12.89 17.47 17.13
C LEU A 47 12.95 17.80 18.61
N GLU A 48 13.19 19.07 18.93
CA GLU A 48 13.40 19.45 20.32
C GLU A 48 12.11 19.79 21.06
N GLU A 49 10.98 19.75 20.36
CA GLU A 49 9.70 19.93 21.02
C GLU A 49 9.29 18.63 21.70
N ALA A 50 10.16 17.62 21.58
CA ALA A 50 9.92 16.32 22.17
C ALA A 50 11.19 15.75 22.79
N ARG A 51 12.31 16.45 22.61
CA ARG A 51 13.58 16.00 23.16
C ARG A 51 13.56 15.91 24.69
N PRO A 52 13.16 16.99 25.36
CA PRO A 52 13.09 16.99 26.83
C PRO A 52 12.12 15.93 27.37
N LEU A 53 11.06 15.66 26.62
CA LEU A 53 10.09 14.66 27.02
C LEU A 53 10.70 13.27 26.98
N VAL A 54 11.58 13.04 26.00
CA VAL A 54 12.23 11.73 25.86
C VAL A 54 13.35 11.56 26.87
N GLU A 55 14.06 12.65 27.15
CA GLU A 55 15.12 12.63 28.16
C GLU A 55 14.54 12.25 29.52
N PHE A 56 13.44 12.88 29.87
CA PHE A 56 12.78 12.65 31.15
C PHE A 56 12.23 11.22 31.21
N TYR A 57 11.73 10.73 30.08
CA TYR A 57 11.18 9.39 30.00
C TYR A 57 12.25 8.34 30.28
N GLU A 58 13.44 8.56 29.73
CA GLU A 58 14.54 7.62 29.91
C GLU A 58 15.09 7.68 31.33
N GLU A 59 15.07 8.86 31.92
CA GLU A 59 15.52 9.02 33.30
C GLU A 59 14.60 8.27 34.26
N ILE A 60 13.31 8.25 33.93
CA ILE A 60 12.33 7.51 34.74
C ILE A 60 12.54 6.01 34.60
N LYS A 61 12.94 5.59 33.39
CA LYS A 61 13.20 4.18 33.12
C LYS A 61 14.43 3.68 33.86
N LYS A 62 15.43 4.54 34.00
CA LYS A 62 16.63 4.21 34.76
C LYS A 62 16.28 4.10 36.24
N TYR A 63 15.42 4.99 36.70
CA TYR A 63 14.97 5.00 38.08
C TYR A 63 14.21 3.72 38.41
N GLU A 64 13.39 3.25 37.47
CA GLU A 64 12.58 2.06 37.68
C GLU A 64 13.42 0.82 37.91
N LYS A 65 14.68 0.87 37.45
CA LYS A 65 15.55 -0.30 37.49
C LYS A 65 16.47 -0.33 38.70
N LEU A 66 16.37 0.69 39.55
CA LEU A 66 17.18 0.74 40.76
C LEU A 66 16.65 -0.26 41.79
N GLU A 67 17.55 -1.06 42.36
CA GLU A 67 17.17 -2.12 43.29
C GLU A 67 16.77 -1.58 44.67
N THR A 68 17.75 -1.02 45.38
CA THR A 68 17.55 -0.61 46.77
C THR A 68 16.79 0.72 46.89
N GLU A 69 15.99 0.83 47.95
CA GLU A 69 15.29 2.06 48.25
C GLU A 69 16.28 3.19 48.50
N GLU A 70 17.47 2.82 48.96
CA GLU A 70 18.56 3.76 49.15
C GLU A 70 18.84 4.55 47.87
N GLU A 71 18.87 3.84 46.74
CA GLU A 71 19.13 4.46 45.44
C GLU A 71 17.95 5.30 44.98
N ARG A 72 16.75 4.74 45.08
CA ARG A 72 15.55 5.43 44.62
C ARG A 72 15.25 6.68 45.43
N VAL A 73 15.66 6.67 46.70
CA VAL A 73 15.48 7.85 47.55
C VAL A 73 16.33 9.02 47.04
N ALA A 74 17.56 8.73 46.65
CA ALA A 74 18.47 9.75 46.15
C ALA A 74 18.10 10.19 44.74
N ARG A 75 17.86 9.22 43.87
CA ARG A 75 17.57 9.49 42.47
C ARG A 75 16.22 10.20 42.28
N SER A 76 15.25 9.85 43.11
CA SER A 76 13.93 10.48 43.06
C SER A 76 14.04 11.97 43.33
N ARG A 77 14.86 12.33 44.30
CA ARG A 77 15.10 13.73 44.62
C ARG A 77 15.84 14.39 43.45
N GLU A 78 16.92 13.76 43.02
CA GLU A 78 17.71 14.24 41.89
C GLU A 78 16.85 14.47 40.66
N ILE A 79 15.92 13.56 40.41
CA ILE A 79 15.02 13.65 39.25
C ILE A 79 13.98 14.76 39.42
N PHE A 80 13.51 14.94 40.66
CA PHE A 80 12.49 15.95 40.91
C PHE A 80 13.08 17.36 40.79
N ASP A 81 14.12 17.64 41.55
CA ASP A 81 14.79 18.93 41.41
C ASP A 81 15.80 18.87 40.28
N SER A 82 15.67 17.87 39.41
CA SER A 82 16.37 17.87 38.14
C SER A 82 15.86 19.05 37.34
N TYR A 83 16.66 19.52 36.40
CA TYR A 83 16.28 20.68 35.63
C TYR A 83 15.93 20.28 34.20
N ILE A 84 15.69 18.99 34.04
CA ILE A 84 14.89 18.49 32.92
C ILE A 84 13.44 18.63 33.37
N MET A 85 13.26 18.65 34.69
CA MET A 85 11.95 18.80 35.31
C MET A 85 11.34 20.17 35.01
N LYS A 86 12.02 21.23 35.44
CA LYS A 86 11.53 22.58 35.16
C LYS A 86 12.04 23.05 33.81
N GLU A 87 12.22 22.10 32.89
CA GLU A 87 12.40 22.38 31.48
C GLU A 87 11.14 21.94 30.75
N LEU A 88 10.37 21.08 31.42
CA LEU A 88 9.08 20.61 30.92
C LEU A 88 7.96 21.42 31.56
N LEU A 89 8.02 21.59 32.87
CA LEU A 89 7.03 22.40 33.59
C LEU A 89 7.29 23.89 33.39
N ALA A 90 8.30 24.20 32.60
CA ALA A 90 8.63 25.59 32.28
C ALA A 90 8.77 25.78 30.78
N CYS A 91 7.77 25.30 30.03
CA CYS A 91 7.77 25.42 28.58
C CYS A 91 6.36 25.25 28.01
N SER A 92 6.29 24.59 26.85
CA SER A 92 5.02 24.39 26.15
C SER A 92 4.03 23.57 26.96
N HIS A 93 4.37 22.32 27.23
CA HIS A 93 3.48 21.40 27.92
C HIS A 93 4.06 20.90 29.24
N PRO A 94 3.68 21.56 30.34
CA PRO A 94 4.10 21.17 31.70
C PRO A 94 3.23 20.05 32.28
N PHE A 95 3.73 19.39 33.32
CA PHE A 95 2.97 18.32 33.97
C PHE A 95 1.73 18.88 34.66
N SER A 96 0.68 18.07 34.72
CA SER A 96 -0.57 18.48 35.35
C SER A 96 -0.37 18.64 36.85
N LYS A 97 -1.17 19.53 37.45
CA LYS A 97 -1.09 19.75 38.88
C LYS A 97 -1.41 18.48 39.65
N SER A 98 -2.43 17.75 39.17
CA SER A 98 -2.86 16.52 39.80
C SER A 98 -1.77 15.45 39.77
N ALA A 99 -0.95 15.48 38.73
CA ALA A 99 0.13 14.51 38.58
C ALA A 99 1.32 14.86 39.47
N THR A 100 1.71 16.12 39.45
CA THR A 100 2.82 16.59 40.27
C THR A 100 2.51 16.45 41.76
N GLU A 101 1.26 16.71 42.15
CA GLU A 101 0.85 16.62 43.54
C GLU A 101 1.02 15.21 44.09
N HIS A 102 0.76 14.21 43.25
CA HIS A 102 0.92 12.81 43.65
C HIS A 102 2.39 12.46 43.82
N VAL A 103 3.21 12.88 42.86
CA VAL A 103 4.64 12.57 42.87
C VAL A 103 5.34 13.19 44.07
N GLN A 104 5.24 14.52 44.21
CA GLN A 104 5.87 15.22 45.33
C GLN A 104 5.22 14.83 46.66
N GLY A 105 4.04 14.24 46.58
CA GLY A 105 3.36 13.74 47.77
C GLY A 105 4.07 12.52 48.32
N HIS A 106 4.28 11.52 47.46
CA HIS A 106 5.00 10.32 47.85
C HIS A 106 6.47 10.63 48.09
N LEU A 107 7.01 11.53 47.28
CA LEU A 107 8.42 11.88 47.35
C LEU A 107 8.75 12.59 48.66
N GLY A 108 7.82 13.39 49.14
CA GLY A 108 8.00 14.12 50.39
C GLY A 108 7.95 13.22 51.61
N LYS A 109 7.10 12.20 51.54
CA LYS A 109 6.93 11.28 52.66
C LYS A 109 8.04 10.23 52.70
N LYS A 110 8.97 10.33 51.75
CA LYS A 110 10.19 9.53 51.73
C LYS A 110 9.98 8.06 51.35
N GLN A 111 8.86 7.76 50.69
CA GLN A 111 8.67 6.43 50.13
C GLN A 111 8.78 6.51 48.61
N VAL A 112 9.69 5.72 48.05
CA VAL A 112 10.01 5.82 46.63
C VAL A 112 9.88 4.48 45.91
N PRO A 113 8.63 4.07 45.64
CA PRO A 113 8.39 2.87 44.84
C PRO A 113 8.82 3.05 43.39
N PRO A 114 9.25 1.96 42.73
CA PRO A 114 9.72 1.98 41.33
C PRO A 114 8.73 2.63 40.37
N ASP A 115 7.45 2.63 40.73
CA ASP A 115 6.41 3.20 39.87
C ASP A 115 6.06 4.62 40.31
N LEU A 116 7.03 5.30 40.91
CA LEU A 116 6.82 6.64 41.46
C LEU A 116 6.46 7.67 40.39
N PHE A 117 7.20 7.65 39.28
CA PHE A 117 7.00 8.64 38.23
C PHE A 117 6.07 8.11 37.12
N GLN A 118 5.27 7.10 37.46
CA GLN A 118 4.36 6.52 36.47
C GLN A 118 3.33 7.54 35.96
N PRO A 119 2.79 8.39 36.86
CA PRO A 119 1.88 9.46 36.42
C PRO A 119 2.50 10.36 35.37
N TYR A 120 3.81 10.60 35.48
CA TYR A 120 4.52 11.43 34.52
C TYR A 120 4.69 10.71 33.19
N ILE A 121 4.90 9.40 33.24
CA ILE A 121 5.09 8.59 32.05
C ILE A 121 3.89 8.69 31.10
N GLU A 122 2.70 8.47 31.65
CA GLU A 122 1.48 8.45 30.86
C GLU A 122 1.18 9.81 30.24
N GLU A 123 1.48 10.88 30.98
CA GLU A 123 1.28 12.23 30.46
C GLU A 123 2.31 12.53 29.38
N ILE A 124 3.47 11.89 29.46
CA ILE A 124 4.50 12.06 28.44
C ILE A 124 4.07 11.40 27.14
N CYS A 125 3.48 10.22 27.25
CA CYS A 125 2.99 9.50 26.08
C CYS A 125 1.80 10.23 25.45
N GLN A 126 0.95 10.79 26.29
CA GLN A 126 -0.20 11.56 25.82
C GLN A 126 0.25 12.80 25.06
N ASN A 127 1.52 13.19 25.26
CA ASN A 127 2.09 14.33 24.58
C ASN A 127 2.94 13.93 23.37
N LEU A 128 3.31 12.66 23.31
CA LEU A 128 4.10 12.14 22.20
C LEU A 128 3.19 11.59 21.10
N ARG A 129 2.08 10.97 21.50
CA ARG A 129 1.09 10.51 20.55
C ARG A 129 0.39 11.69 19.89
N GLY A 130 0.33 11.69 18.57
CA GLY A 130 -0.32 12.76 17.83
C GLY A 130 0.65 13.49 16.91
N ASP A 131 0.73 14.81 17.10
CA ASP A 131 1.55 15.66 16.24
C ASP A 131 3.02 15.23 16.22
N VAL A 132 3.54 14.83 17.38
CA VAL A 132 4.93 14.45 17.49
C VAL A 132 5.20 13.13 16.78
N PHE A 133 4.28 12.18 16.92
CA PHE A 133 4.39 10.89 16.27
C PHE A 133 4.20 11.02 14.76
N GLN A 134 3.37 11.97 14.35
CA GLN A 134 3.13 12.20 12.93
C GLN A 134 4.38 12.75 12.25
N LYS A 135 5.15 13.54 12.98
CA LYS A 135 6.40 14.07 12.45
C LYS A 135 7.47 12.98 12.38
N PHE A 136 7.32 11.96 13.21
CA PHE A 136 8.22 10.82 13.19
C PHE A 136 7.96 9.95 11.98
N ILE A 137 6.69 9.74 11.66
CA ILE A 137 6.30 8.95 10.49
C ILE A 137 6.80 9.60 9.21
N GLU A 138 6.85 10.94 9.21
CA GLU A 138 7.31 11.68 8.05
C GLU A 138 8.83 11.73 7.98
N SER A 139 9.48 11.48 9.11
CA SER A 139 10.94 11.51 9.17
C SER A 139 11.53 10.27 8.51
N ASP A 140 12.83 10.31 8.24
CA ASP A 140 13.52 9.19 7.61
C ASP A 140 13.93 8.14 8.64
N LYS A 141 13.55 8.37 9.90
CA LYS A 141 13.80 7.40 10.95
C LYS A 141 12.79 6.27 10.87
N PHE A 142 11.54 6.61 10.55
CA PHE A 142 10.52 5.62 10.31
C PHE A 142 10.83 4.84 9.03
N THR A 143 11.48 5.52 8.08
CA THR A 143 11.93 4.87 6.86
C THR A 143 12.92 3.76 7.19
N ARG A 144 13.87 4.07 8.07
CA ARG A 144 14.84 3.09 8.53
C ARG A 144 14.16 1.95 9.29
N PHE A 145 13.09 2.30 10.00
CA PHE A 145 12.29 1.30 10.72
C PHE A 145 11.64 0.33 9.74
N CYS A 146 11.16 0.86 8.62
CA CYS A 146 10.58 0.03 7.56
C CYS A 146 11.63 -0.90 6.97
N GLN A 147 12.86 -0.43 6.93
CA GLN A 147 13.96 -1.22 6.40
C GLN A 147 14.24 -2.41 7.31
N TRP A 148 14.21 -2.16 8.62
CA TRP A 148 14.41 -3.23 9.60
C TRP A 148 13.21 -4.16 9.66
N LYS A 149 12.01 -3.58 9.65
CA LYS A 149 10.78 -4.37 9.71
C LYS A 149 10.67 -5.30 8.52
N ASN A 150 11.24 -4.89 7.39
CA ASN A 150 11.25 -5.73 6.19
C ASN A 150 12.13 -6.95 6.38
N VAL A 151 13.28 -6.75 7.03
CA VAL A 151 14.22 -7.85 7.28
C VAL A 151 13.62 -8.86 8.25
N GLU A 152 12.95 -8.35 9.28
CA GLU A 152 12.31 -9.20 10.27
C GLU A 152 11.19 -10.04 9.66
N LEU A 153 10.32 -9.40 8.88
CA LEU A 153 9.18 -10.08 8.28
C LEU A 153 9.59 -10.95 7.10
N ASN A 154 10.89 -10.99 6.81
CA ASN A 154 11.40 -11.79 5.70
C ASN A 154 12.45 -12.78 6.17
N ILE A 155 12.32 -13.27 7.39
CA ILE A 155 13.26 -14.21 7.96
C ILE A 155 12.97 -15.65 7.54
N HIS A 156 13.92 -16.25 6.83
CA HIS A 156 13.81 -17.66 6.43
C HIS A 156 15.09 -18.38 6.81
N LEU A 157 15.07 -19.01 7.98
CA LEU A 157 16.28 -19.62 8.54
C LEU A 157 16.58 -21.00 7.96
N THR A 158 17.86 -21.29 7.85
CA THR A 158 18.35 -22.60 7.45
C THR A 158 19.55 -22.97 8.31
N MET A 159 20.04 -24.19 8.14
CA MET A 159 21.18 -24.65 8.92
C MET A 159 22.45 -23.89 8.55
N ASN A 160 22.40 -23.17 7.44
CA ASN A 160 23.54 -22.37 6.99
C ASN A 160 23.60 -21.03 7.72
N ASP A 161 22.53 -20.70 8.42
CA ASP A 161 22.45 -19.46 9.18
C ASP A 161 23.03 -19.62 10.58
N PHE A 162 23.45 -20.83 10.91
CA PHE A 162 24.00 -21.11 12.23
C PHE A 162 25.32 -21.87 12.17
N SER A 163 26.24 -21.53 13.07
CA SER A 163 27.47 -22.27 13.24
C SER A 163 27.33 -23.21 14.43
N VAL A 164 26.92 -24.45 14.15
CA VAL A 164 26.66 -25.42 15.21
C VAL A 164 27.94 -25.99 15.80
N HIS A 165 27.99 -26.05 17.13
CA HIS A 165 29.16 -26.58 17.84
C HIS A 165 28.85 -27.92 18.50
N ARG A 166 29.46 -28.16 19.65
CA ARG A 166 29.30 -29.43 20.36
C ARG A 166 27.85 -29.70 20.77
N ILE A 167 27.54 -30.98 20.98
CA ILE A 167 26.24 -31.38 21.50
C ILE A 167 26.16 -31.02 22.97
N ILE A 168 24.98 -30.65 23.46
CA ILE A 168 24.83 -30.27 24.85
C ILE A 168 23.59 -30.92 25.47
N GLY A 169 23.17 -32.03 24.90
CA GLY A 169 22.00 -32.74 25.40
C GLY A 169 21.35 -33.61 24.33
N ARG A 170 20.60 -34.61 24.78
CA ARG A 170 19.92 -35.52 23.87
C ARG A 170 18.53 -35.87 24.37
N GLY A 171 17.62 -36.14 23.45
CA GLY A 171 16.26 -36.53 23.80
C GLY A 171 15.84 -37.77 23.05
N GLY A 172 14.55 -38.10 23.11
CA GLY A 172 14.03 -39.27 22.43
C GLY A 172 13.74 -39.02 20.97
N PHE A 173 13.72 -37.76 20.58
CA PHE A 173 13.38 -37.38 19.20
C PHE A 173 14.50 -36.62 18.50
N GLY A 174 15.42 -36.07 19.28
CA GLY A 174 16.50 -35.29 18.70
C GLY A 174 17.58 -34.89 19.69
N GLU A 175 18.47 -34.01 19.25
CA GLU A 175 19.58 -33.56 20.07
C GLU A 175 19.56 -32.05 20.26
N VAL A 176 20.38 -31.56 21.18
CA VAL A 176 20.51 -30.13 21.42
C VAL A 176 21.94 -29.69 21.18
N TYR A 177 22.12 -28.57 20.48
CA TYR A 177 23.44 -28.12 20.09
C TYR A 177 23.72 -26.68 20.51
N GLY A 178 24.98 -26.39 20.78
CA GLY A 178 25.43 -25.03 21.01
C GLY A 178 25.83 -24.42 19.68
N CYS A 179 25.14 -23.37 19.28
CA CYS A 179 25.38 -22.76 17.97
C CYS A 179 25.47 -21.24 18.05
N ARG A 180 25.99 -20.64 16.98
CA ARG A 180 26.13 -19.20 16.91
C ARG A 180 25.52 -18.66 15.62
N LYS A 181 24.49 -17.83 15.76
CA LYS A 181 23.80 -17.24 14.61
C LYS A 181 24.77 -16.38 13.80
N ALA A 182 24.81 -16.61 12.49
CA ALA A 182 25.82 -16.03 11.62
C ALA A 182 25.77 -14.49 11.56
N ASP A 183 24.58 -13.94 11.36
CA ASP A 183 24.44 -12.50 11.12
C ASP A 183 24.69 -11.64 12.36
N THR A 184 24.37 -12.17 13.54
CA THR A 184 24.51 -11.39 14.77
C THR A 184 25.60 -11.93 15.69
N GLY A 185 25.82 -13.25 15.66
CA GLY A 185 26.84 -13.86 16.48
C GLY A 185 26.33 -14.25 17.85
N LYS A 186 25.03 -14.07 18.08
CA LYS A 186 24.40 -14.43 19.35
C LYS A 186 24.50 -15.94 19.60
N MET A 187 24.94 -16.31 20.80
CA MET A 187 25.06 -17.72 21.15
C MET A 187 23.70 -18.31 21.49
N TYR A 188 23.31 -19.36 20.77
CA TYR A 188 22.02 -19.99 20.96
C TYR A 188 22.14 -21.49 21.21
N ALA A 189 21.03 -22.09 21.61
CA ALA A 189 20.92 -23.55 21.69
C ALA A 189 19.92 -24.04 20.65
N MET A 190 20.35 -24.98 19.82
CA MET A 190 19.50 -25.49 18.75
C MET A 190 18.98 -26.89 19.05
N LYS A 191 17.70 -26.98 19.38
CA LYS A 191 17.06 -28.26 19.63
C LYS A 191 16.52 -28.85 18.34
N CYS A 192 17.23 -29.82 17.78
CA CYS A 192 16.86 -30.38 16.48
C CYS A 192 16.14 -31.72 16.62
N LEU A 193 14.83 -31.70 16.39
CA LEU A 193 14.05 -32.93 16.35
C LEU A 193 14.18 -33.57 14.97
N ASP A 194 13.80 -34.83 14.88
CA ASP A 194 13.86 -35.54 13.60
C ASP A 194 12.51 -36.15 13.27
N LYS A 195 11.89 -35.67 12.19
CA LYS A 195 10.55 -36.08 11.80
C LYS A 195 10.43 -37.59 11.63
N LYS A 196 11.52 -38.23 11.25
CA LYS A 196 11.54 -39.67 11.02
C LYS A 196 11.19 -40.44 12.29
N ARG A 197 11.90 -40.15 13.37
CA ARG A 197 11.66 -40.81 14.65
C ARG A 197 10.46 -40.18 15.36
N ILE A 198 10.05 -38.99 14.92
CA ILE A 198 8.87 -38.33 15.47
C ILE A 198 7.60 -39.05 15.02
N LYS A 199 7.42 -39.17 13.72
CA LYS A 199 6.28 -39.87 13.14
C LYS A 199 6.27 -41.33 13.57
N MET A 200 7.45 -41.86 13.86
CA MET A 200 7.59 -43.25 14.29
C MET A 200 6.94 -43.48 15.65
N LYS A 201 7.40 -42.73 16.66
CA LYS A 201 6.93 -42.93 18.03
C LYS A 201 5.70 -42.10 18.34
N GLN A 202 5.06 -41.56 17.29
CA GLN A 202 3.86 -40.74 17.49
C GLN A 202 4.20 -39.51 18.33
N GLY A 203 4.95 -38.58 17.76
CA GLY A 203 5.49 -37.47 18.52
C GLY A 203 5.16 -36.07 18.02
N GLU A 204 4.54 -35.98 16.86
CA GLU A 204 4.18 -34.66 16.32
C GLU A 204 3.10 -34.01 17.19
N THR A 205 2.42 -34.80 18.00
CA THR A 205 1.45 -34.29 18.95
C THR A 205 2.15 -33.49 20.05
N LEU A 206 3.38 -33.89 20.36
CA LEU A 206 4.20 -33.17 21.32
C LEU A 206 5.01 -32.06 20.64
N ALA A 207 5.54 -32.36 19.46
CA ALA A 207 6.36 -31.42 18.72
C ALA A 207 5.60 -30.13 18.39
N LEU A 208 4.32 -30.28 18.09
CA LEU A 208 3.48 -29.13 17.79
C LEU A 208 3.05 -28.41 19.07
N ASN A 209 2.71 -29.17 20.09
CA ASN A 209 2.26 -28.60 21.36
C ASN A 209 3.38 -27.83 22.06
N GLU A 210 4.61 -28.28 21.89
CA GLU A 210 5.76 -27.59 22.47
C GLU A 210 6.01 -26.27 21.77
N ARG A 211 5.77 -26.23 20.48
CA ARG A 211 5.96 -25.01 19.70
C ARG A 211 4.91 -23.97 20.05
N ILE A 212 3.71 -24.43 20.40
CA ILE A 212 2.62 -23.53 20.77
C ILE A 212 2.79 -23.01 22.20
N MET A 213 3.25 -23.88 23.09
CA MET A 213 3.47 -23.50 24.48
C MET A 213 4.64 -22.53 24.61
N LEU A 214 5.69 -22.77 23.82
CA LEU A 214 6.85 -21.89 23.80
C LEU A 214 6.45 -20.50 23.34
N SER A 215 5.50 -20.43 22.41
CA SER A 215 5.01 -19.16 21.91
C SER A 215 4.31 -18.36 23.02
N LEU A 216 3.50 -19.05 23.80
CA LEU A 216 2.74 -18.41 24.88
C LEU A 216 3.66 -18.00 26.03
N VAL A 217 4.87 -18.54 26.06
CA VAL A 217 5.76 -18.37 27.19
C VAL A 217 7.00 -17.52 26.89
N SER A 218 7.49 -17.59 25.66
CA SER A 218 8.76 -16.95 25.31
C SER A 218 8.68 -15.43 25.23
N THR A 219 7.68 -14.84 25.88
CA THR A 219 7.55 -13.39 25.92
C THR A 219 7.79 -12.86 27.33
N GLY A 220 8.44 -11.70 27.42
CA GLY A 220 8.72 -11.08 28.70
C GLY A 220 10.15 -11.24 29.15
N ASP A 221 10.89 -12.11 28.46
CA ASP A 221 12.30 -12.34 28.76
C ASP A 221 12.47 -12.90 30.17
N CYS A 222 11.82 -14.04 30.43
CA CYS A 222 11.91 -14.69 31.73
C CYS A 222 13.25 -15.40 31.90
N PRO A 223 14.00 -15.01 32.93
CA PRO A 223 15.35 -15.54 33.19
C PRO A 223 15.34 -16.97 33.72
N PHE A 224 14.16 -17.54 33.94
CA PHE A 224 14.06 -18.85 34.57
C PHE A 224 13.33 -19.87 33.71
N ILE A 225 13.25 -19.61 32.41
CA ILE A 225 12.66 -20.54 31.46
C ILE A 225 13.46 -20.57 30.17
N VAL A 226 13.73 -21.77 29.67
CA VAL A 226 14.39 -21.91 28.38
C VAL A 226 13.44 -21.49 27.27
N CYS A 227 13.39 -20.20 26.99
CA CYS A 227 12.44 -19.65 26.03
C CYS A 227 12.93 -19.74 24.59
N MET A 228 11.98 -19.79 23.67
CA MET A 228 12.28 -19.90 22.24
C MET A 228 12.42 -18.54 21.57
N SER A 229 13.39 -18.42 20.67
CA SER A 229 13.54 -17.20 19.89
C SER A 229 13.05 -17.43 18.46
N TYR A 230 13.48 -18.54 17.86
CA TYR A 230 13.07 -18.88 16.51
C TYR A 230 12.50 -20.28 16.44
N ALA A 231 11.84 -20.58 15.31
CA ALA A 231 11.32 -21.92 15.04
C ALA A 231 11.25 -22.14 13.54
N PHE A 232 11.95 -23.17 13.06
CA PHE A 232 11.98 -23.46 11.64
C PHE A 232 12.17 -24.95 11.40
N HIS A 233 12.14 -25.37 10.14
CA HIS A 233 12.34 -26.77 9.81
C HIS A 233 12.95 -26.96 8.42
N THR A 234 13.82 -27.96 8.31
CA THR A 234 14.34 -28.38 7.02
C THR A 234 13.51 -29.56 6.53
N PRO A 235 13.90 -30.18 5.41
CA PRO A 235 13.16 -31.34 4.90
C PRO A 235 12.97 -32.47 5.92
N ASP A 236 13.85 -32.55 6.93
CA ASP A 236 13.82 -33.67 7.86
C ASP A 236 13.91 -33.26 9.33
N LYS A 237 14.23 -31.99 9.58
CA LYS A 237 14.49 -31.54 10.94
C LYS A 237 13.47 -30.52 11.46
N LEU A 238 13.04 -30.69 12.70
CA LEU A 238 12.29 -29.66 13.41
C LEU A 238 13.23 -28.95 14.37
N SER A 239 13.39 -27.64 14.19
CA SER A 239 14.41 -26.91 14.95
C SER A 239 13.83 -25.79 15.82
N PHE A 240 14.20 -25.82 17.09
CA PHE A 240 13.90 -24.73 18.01
C PHE A 240 15.19 -24.00 18.38
N ILE A 241 15.17 -22.68 18.32
CA ILE A 241 16.30 -21.88 18.77
C ILE A 241 16.02 -21.33 20.16
N LEU A 242 16.65 -21.93 21.16
CA LEU A 242 16.34 -21.62 22.56
C LEU A 242 17.51 -21.00 23.30
N ASP A 243 17.25 -20.62 24.55
CA ASP A 243 18.29 -20.09 25.42
C ASP A 243 19.38 -21.13 25.65
N LEU A 244 20.64 -20.71 25.55
CA LEU A 244 21.76 -21.62 25.72
C LEU A 244 21.99 -21.95 27.19
N MET A 245 21.95 -23.23 27.52
CA MET A 245 22.13 -23.70 28.89
C MET A 245 23.11 -24.87 28.94
N ASN A 246 24.39 -24.57 28.82
CA ASN A 246 25.43 -25.60 28.81
C ASN A 246 25.99 -25.91 30.19
N GLY A 247 25.15 -26.46 31.06
CA GLY A 247 25.57 -26.79 32.41
C GLY A 247 24.97 -28.08 32.92
N GLY A 248 24.19 -28.75 32.09
CA GLY A 248 23.56 -30.01 32.47
C GLY A 248 22.33 -29.80 33.33
N ASP A 249 21.54 -30.86 33.48
CA ASP A 249 20.32 -30.79 34.29
C ASP A 249 20.61 -31.08 35.76
N LEU A 250 19.57 -31.04 36.58
CA LEU A 250 19.71 -31.25 38.02
C LEU A 250 19.77 -32.72 38.40
N HIS A 251 19.14 -33.58 37.60
CA HIS A 251 19.16 -35.01 37.88
C HIS A 251 20.58 -35.56 37.76
N TYR A 252 21.32 -35.04 36.79
CA TYR A 252 22.71 -35.42 36.61
C TYR A 252 23.55 -34.92 37.78
N HIS A 253 23.42 -33.63 38.08
CA HIS A 253 24.19 -33.02 39.17
C HIS A 253 23.79 -33.57 40.52
N LEU A 254 22.54 -34.00 40.65
CA LEU A 254 22.04 -34.57 41.90
C LEU A 254 22.74 -35.89 42.21
N SER A 255 22.81 -36.77 41.22
CA SER A 255 23.39 -38.10 41.38
C SER A 255 24.90 -38.07 41.50
N GLN A 256 25.51 -36.92 41.19
CA GLN A 256 26.97 -36.80 41.21
C GLN A 256 27.45 -35.93 42.37
N HIS A 257 26.60 -35.00 42.82
CA HIS A 257 26.94 -34.13 43.94
C HIS A 257 26.43 -34.73 45.25
N GLY A 258 25.37 -35.53 45.15
CA GLY A 258 24.70 -36.04 46.33
C GLY A 258 23.54 -35.12 46.66
N VAL A 259 22.78 -35.45 47.70
CA VAL A 259 21.62 -34.64 48.08
C VAL A 259 22.04 -33.23 48.48
N PHE A 260 21.21 -32.25 48.14
CA PHE A 260 21.49 -30.87 48.49
C PHE A 260 20.91 -30.53 49.87
N SER A 261 21.53 -29.56 50.54
CA SER A 261 21.03 -29.09 51.82
C SER A 261 19.78 -28.23 51.61
N GLU A 262 19.17 -27.80 52.71
CA GLU A 262 18.01 -26.92 52.63
C GLU A 262 18.40 -25.59 52.01
N ALA A 263 19.58 -25.10 52.38
CA ALA A 263 20.08 -23.83 51.85
C ALA A 263 20.33 -23.92 50.35
N ASP A 264 20.94 -25.00 49.91
CA ASP A 264 21.19 -25.21 48.48
C ASP A 264 19.88 -25.44 47.73
N MET A 265 18.92 -26.09 48.40
CA MET A 265 17.63 -26.37 47.78
C MET A 265 16.78 -25.11 47.68
N ARG A 266 16.89 -24.24 48.69
CA ARG A 266 16.12 -23.00 48.71
C ARG A 266 16.45 -22.12 47.52
N PHE A 267 17.70 -22.21 47.06
CA PHE A 267 18.13 -21.44 45.89
C PHE A 267 17.38 -21.87 44.64
N TYR A 268 17.47 -23.15 44.31
CA TYR A 268 16.82 -23.69 43.13
C TYR A 268 15.31 -23.50 43.19
N ALA A 269 14.73 -23.80 44.34
CA ALA A 269 13.29 -23.66 44.53
C ALA A 269 12.83 -22.23 44.27
N ALA A 270 13.63 -21.27 44.72
CA ALA A 270 13.28 -19.86 44.56
C ALA A 270 13.21 -19.47 43.08
N GLU A 271 14.22 -19.86 42.31
CA GLU A 271 14.25 -19.56 40.89
C GLU A 271 13.18 -20.34 40.13
N ILE A 272 12.93 -21.57 40.55
CA ILE A 272 11.91 -22.39 39.89
C ILE A 272 10.51 -21.82 40.10
N ILE A 273 10.28 -21.26 41.29
CA ILE A 273 9.00 -20.66 41.62
C ILE A 273 8.69 -19.48 40.70
N LEU A 274 9.69 -18.66 40.44
CA LEU A 274 9.51 -17.51 39.55
C LEU A 274 9.24 -17.99 38.13
N GLY A 275 9.85 -19.10 37.75
CA GLY A 275 9.63 -19.68 36.43
C GLY A 275 8.22 -20.20 36.26
N LEU A 276 7.62 -20.62 37.37
CA LEU A 276 6.25 -21.12 37.37
C LEU A 276 5.24 -19.97 37.35
N GLU A 277 5.49 -18.95 38.15
CA GLU A 277 4.62 -17.78 38.21
C GLU A 277 4.51 -17.13 36.84
N HIS A 278 5.56 -17.28 36.04
CA HIS A 278 5.59 -16.75 34.69
C HIS A 278 4.54 -17.43 33.81
N MET A 279 4.60 -18.75 33.75
CA MET A 279 3.67 -19.53 32.93
C MET A 279 2.24 -19.42 33.44
N HIS A 280 2.07 -19.50 34.75
CA HIS A 280 0.75 -19.45 35.37
C HIS A 280 0.06 -18.12 35.09
N ASN A 281 0.84 -17.05 35.00
CA ASN A 281 0.29 -15.74 34.65
C ASN A 281 -0.18 -15.72 33.20
N ARG A 282 0.46 -16.54 32.37
CA ARG A 282 0.07 -16.65 30.96
C ARG A 282 -0.83 -17.86 30.77
N PHE A 283 -1.42 -18.33 31.87
CA PHE A 283 -2.39 -19.41 31.85
C PHE A 283 -1.82 -20.69 31.22
N VAL A 284 -0.63 -21.07 31.68
CA VAL A 284 0.02 -22.27 31.19
C VAL A 284 0.47 -23.18 32.32
N VAL A 285 0.07 -24.45 32.26
CA VAL A 285 0.49 -25.43 33.25
C VAL A 285 1.62 -26.29 32.67
N TYR A 286 2.64 -26.52 33.48
CA TYR A 286 3.83 -27.26 33.04
C TYR A 286 3.61 -28.77 33.13
N ARG A 287 3.16 -29.22 34.29
CA ARG A 287 2.74 -30.60 34.51
C ARG A 287 3.90 -31.61 34.55
N ASP A 288 5.04 -31.26 33.98
CA ASP A 288 6.18 -32.17 33.94
C ASP A 288 7.36 -31.64 34.74
N LEU A 289 7.08 -31.15 35.94
CA LEU A 289 8.13 -30.57 36.77
C LEU A 289 8.95 -31.65 37.47
N LYS A 290 10.21 -31.78 37.05
CA LYS A 290 11.12 -32.75 37.61
C LYS A 290 12.56 -32.27 37.50
N PRO A 291 13.46 -32.81 38.33
CA PRO A 291 14.88 -32.41 38.37
C PRO A 291 15.58 -32.51 37.02
N ALA A 292 15.12 -33.45 36.18
CA ALA A 292 15.72 -33.67 34.87
C ALA A 292 15.44 -32.51 33.91
N ASN A 293 14.34 -31.82 34.13
CA ASN A 293 13.95 -30.71 33.26
C ASN A 293 14.45 -29.35 33.76
N ILE A 294 15.33 -29.38 34.75
CA ILE A 294 15.93 -28.15 35.29
C ILE A 294 17.36 -28.00 34.81
N LEU A 295 17.58 -27.12 33.84
CA LEU A 295 18.90 -26.91 33.26
C LEU A 295 19.69 -25.86 34.04
N LEU A 296 21.00 -26.07 34.13
CA LEU A 296 21.89 -25.09 34.74
C LEU A 296 22.68 -24.35 33.67
N ASP A 297 22.92 -23.07 33.89
CA ASP A 297 23.70 -22.27 32.95
C ASP A 297 25.17 -22.31 33.34
N GLU A 298 25.97 -21.51 32.64
CA GLU A 298 27.41 -21.46 32.89
C GLU A 298 27.74 -21.02 34.32
N HIS A 299 26.85 -20.24 34.91
CA HIS A 299 27.10 -19.67 36.23
C HIS A 299 26.41 -20.44 37.36
N GLY A 300 25.59 -21.41 37.00
CA GLY A 300 24.93 -22.23 38.00
C GLY A 300 23.46 -21.88 38.21
N HIS A 301 23.01 -20.83 37.53
CA HIS A 301 21.59 -20.45 37.60
C HIS A 301 20.76 -21.40 36.74
N VAL A 302 19.50 -21.57 37.10
CA VAL A 302 18.68 -22.60 36.46
C VAL A 302 17.49 -22.04 35.68
N ARG A 303 16.96 -22.86 34.79
CA ARG A 303 15.77 -22.55 34.02
C ARG A 303 14.91 -23.80 33.84
N ILE A 304 13.60 -23.64 33.80
CA ILE A 304 12.70 -24.74 33.49
C ILE A 304 12.78 -25.05 31.99
N SER A 305 12.99 -26.32 31.65
CA SER A 305 13.21 -26.70 30.27
C SER A 305 12.18 -27.71 29.75
N ASP A 306 12.03 -27.75 28.43
CA ASP A 306 11.13 -28.69 27.77
C ASP A 306 9.65 -28.43 28.10
N LEU A 307 9.04 -27.52 27.35
CA LEU A 307 7.62 -27.19 27.55
C LEU A 307 6.72 -28.09 26.70
N GLY A 308 7.24 -29.24 26.30
CA GLY A 308 6.53 -30.14 25.40
C GLY A 308 5.24 -30.70 25.97
N LEU A 309 5.15 -30.79 27.29
CA LEU A 309 3.99 -31.39 27.93
C LEU A 309 3.12 -30.37 28.65
N ALA A 310 3.35 -29.09 28.38
CA ALA A 310 2.58 -28.02 29.02
C ALA A 310 1.17 -27.93 28.43
N CYS A 311 0.35 -27.07 29.00
CA CYS A 311 -1.04 -26.93 28.57
C CYS A 311 -1.56 -25.51 28.72
N ASP A 312 -2.68 -25.21 28.05
CA ASP A 312 -3.33 -23.92 28.13
C ASP A 312 -4.71 -24.07 28.78
N PHE A 313 -4.92 -23.37 29.89
CA PHE A 313 -6.19 -23.43 30.60
C PHE A 313 -6.87 -22.07 30.65
N SER A 314 -6.55 -21.21 29.68
CA SER A 314 -7.10 -19.87 29.62
C SER A 314 -8.61 -19.88 29.39
N LYS A 315 -9.06 -20.79 28.54
CA LYS A 315 -10.48 -20.88 28.20
C LYS A 315 -11.04 -22.28 28.44
N LYS A 316 -10.18 -23.28 28.35
CA LYS A 316 -10.60 -24.66 28.55
C LYS A 316 -9.68 -25.40 29.51
N LYS A 317 -10.24 -25.87 30.61
CA LYS A 317 -9.49 -26.58 31.64
C LYS A 317 -9.03 -27.95 31.15
N PRO A 318 -7.78 -28.32 31.47
CA PRO A 318 -7.26 -29.66 31.16
C PRO A 318 -7.78 -30.71 32.12
N HIS A 319 -7.73 -31.98 31.74
CA HIS A 319 -8.26 -33.04 32.58
C HIS A 319 -7.32 -34.25 32.67
N ALA A 320 -6.82 -34.68 31.51
CA ALA A 320 -6.07 -35.94 31.35
C ALA A 320 -4.91 -36.13 32.32
N SER A 321 -4.51 -37.37 32.52
CA SER A 321 -3.39 -37.68 33.42
C SER A 321 -2.04 -37.62 32.70
N VAL A 322 -1.39 -36.45 32.73
CA VAL A 322 -0.13 -36.26 32.03
C VAL A 322 1.00 -35.83 32.98
N GLY A 323 2.21 -36.31 32.70
CA GLY A 323 3.38 -35.96 33.49
C GLY A 323 4.17 -37.19 33.91
N THR A 324 5.23 -36.98 34.67
CA THR A 324 6.05 -38.09 35.16
C THR A 324 5.48 -38.60 36.49
N HIS A 325 5.50 -39.92 36.67
CA HIS A 325 4.95 -40.52 37.87
C HIS A 325 5.78 -40.17 39.10
N GLY A 326 5.08 -39.86 40.20
CA GLY A 326 5.73 -39.47 41.43
C GLY A 326 5.69 -37.96 41.61
N TYR A 327 5.42 -37.25 40.52
CA TYR A 327 5.36 -35.79 40.54
C TYR A 327 3.98 -35.28 40.16
N MET A 328 3.06 -36.21 39.94
CA MET A 328 1.71 -35.85 39.49
C MET A 328 0.75 -35.62 40.66
N ALA A 329 0.04 -34.51 40.60
CA ALA A 329 -0.93 -34.16 41.64
C ALA A 329 -2.18 -35.04 41.54
N PRO A 330 -2.94 -35.14 42.64
CA PRO A 330 -4.18 -35.92 42.65
C PRO A 330 -5.20 -35.41 41.64
N GLU A 331 -5.24 -34.10 41.43
CA GLU A 331 -6.21 -33.48 40.52
C GLU A 331 -6.07 -33.97 39.09
N VAL A 332 -4.88 -33.77 38.54
CA VAL A 332 -4.59 -34.26 37.20
C VAL A 332 -4.73 -35.78 37.15
N LEU A 333 -3.92 -36.47 37.95
CA LEU A 333 -3.94 -37.93 38.08
C LEU A 333 -5.37 -38.42 38.07
N GLN A 334 -6.21 -37.71 38.80
CA GLN A 334 -7.63 -37.83 38.61
C GLN A 334 -7.98 -37.21 37.27
N LYS A 335 -8.57 -38.06 36.42
CA LYS A 335 -8.98 -37.72 35.07
C LYS A 335 -10.46 -37.36 35.07
N GLY A 336 -10.88 -36.61 34.05
CA GLY A 336 -12.20 -35.99 34.07
C GLY A 336 -12.15 -34.86 35.09
N VAL A 337 -10.99 -34.67 35.68
CA VAL A 337 -10.79 -33.64 36.68
C VAL A 337 -10.22 -32.36 36.10
N ALA A 338 -11.08 -31.36 35.96
CA ALA A 338 -10.62 -30.01 35.66
C ALA A 338 -9.61 -29.65 36.74
N TYR A 339 -8.34 -29.62 36.35
CA TYR A 339 -7.25 -29.40 37.27
C TYR A 339 -6.26 -28.40 36.63
N ASP A 340 -5.99 -27.28 37.30
CA ASP A 340 -5.24 -26.19 36.66
C ASP A 340 -3.83 -26.03 37.20
N SER A 341 -3.43 -24.79 37.48
CA SER A 341 -2.09 -24.48 37.96
C SER A 341 -1.77 -25.18 39.28
N SER A 342 -2.82 -25.69 39.93
CA SER A 342 -2.68 -26.40 41.19
C SER A 342 -1.88 -27.70 41.04
N ALA A 343 -1.62 -28.08 39.79
CA ALA A 343 -0.93 -29.34 39.51
C ALA A 343 0.59 -29.17 39.56
N ASP A 344 1.05 -27.93 39.46
CA ASP A 344 2.49 -27.64 39.48
C ASP A 344 2.99 -27.40 40.90
N TRP A 345 2.15 -26.81 41.74
CA TRP A 345 2.52 -26.56 43.13
C TRP A 345 2.75 -27.88 43.86
N PHE A 346 2.07 -28.93 43.40
CA PHE A 346 2.26 -30.26 43.94
C PHE A 346 3.56 -30.87 43.41
N SER A 347 3.79 -30.70 42.12
CA SER A 347 4.99 -31.22 41.48
C SER A 347 6.25 -30.56 42.03
N LEU A 348 6.11 -29.31 42.48
CA LEU A 348 7.24 -28.58 43.06
C LEU A 348 7.68 -29.23 44.37
N GLY A 349 6.71 -29.54 45.22
CA GLY A 349 6.99 -30.19 46.49
C GLY A 349 7.63 -31.56 46.31
N CYS A 350 7.15 -32.29 45.31
CA CYS A 350 7.68 -33.62 45.01
C CYS A 350 9.11 -33.52 44.50
N MET A 351 9.38 -32.48 43.72
CA MET A 351 10.70 -32.31 43.14
C MET A 351 11.70 -31.86 44.19
N LEU A 352 11.34 -30.86 44.99
CA LEU A 352 12.22 -30.35 46.03
C LEU A 352 12.56 -31.44 47.03
N PHE A 353 11.62 -32.33 47.28
CA PHE A 353 11.83 -33.46 48.19
C PHE A 353 12.91 -34.38 47.65
N LYS A 354 12.93 -34.58 46.33
CA LYS A 354 13.90 -35.45 45.70
C LYS A 354 15.31 -34.86 45.74
N LEU A 355 15.39 -33.54 45.82
CA LEU A 355 16.67 -32.85 45.92
C LEU A 355 17.25 -33.00 47.33
N LEU A 356 16.38 -33.27 48.28
CA LEU A 356 16.79 -33.41 49.68
C LEU A 356 17.08 -34.87 50.04
N ARG A 357 16.17 -35.75 49.62
CA ARG A 357 16.27 -37.18 49.95
C ARG A 357 16.95 -37.97 48.85
N GLY A 358 16.46 -37.83 47.62
CA GLY A 358 17.05 -38.51 46.48
C GLY A 358 16.03 -39.27 45.64
N HIS A 359 14.76 -39.03 45.90
CA HIS A 359 13.68 -39.69 45.17
C HIS A 359 12.32 -39.09 45.52
N SER A 360 11.30 -39.48 44.77
CA SER A 360 9.95 -38.99 44.98
C SER A 360 9.43 -39.38 46.35
N PRO A 361 8.62 -38.49 46.96
CA PRO A 361 8.01 -38.75 48.27
C PRO A 361 6.91 -39.80 48.20
N PHE A 362 6.68 -40.36 47.03
CA PHE A 362 5.68 -41.40 46.85
C PHE A 362 6.30 -42.66 46.24
N ARG A 363 7.56 -42.53 45.81
CA ARG A 363 8.30 -43.67 45.30
C ARG A 363 9.27 -44.18 46.37
N GLN A 364 8.72 -44.89 47.35
CA GLN A 364 9.52 -45.42 48.45
C GLN A 364 9.93 -46.87 48.19
N HIS A 365 11.16 -47.19 48.55
CA HIS A 365 11.68 -48.55 48.43
C HIS A 365 11.84 -49.01 46.98
N LYS A 366 12.29 -48.09 46.12
CA LYS A 366 12.73 -48.44 44.77
C LYS A 366 11.63 -49.07 43.91
N THR A 367 10.38 -48.94 44.35
CA THR A 367 9.26 -49.58 43.66
C THR A 367 9.17 -49.12 42.21
N LYS A 368 8.77 -50.03 41.32
CA LYS A 368 8.79 -49.74 39.89
C LYS A 368 7.43 -49.94 39.22
N ASP A 369 6.38 -50.08 40.02
CA ASP A 369 5.03 -50.13 39.47
C ASP A 369 4.68 -48.79 38.85
N LYS A 370 3.50 -48.68 38.25
CA LYS A 370 3.07 -47.42 37.66
C LYS A 370 1.70 -47.00 38.16
N HIS A 371 1.00 -47.92 38.81
CA HIS A 371 -0.10 -47.55 39.68
C HIS A 371 0.58 -47.09 40.96
N GLU A 372 1.78 -47.63 41.14
CA GLU A 372 2.84 -47.09 41.99
C GLU A 372 2.49 -45.92 42.91
N ILE A 373 2.74 -44.71 42.42
CA ILE A 373 2.66 -43.51 43.22
C ILE A 373 1.22 -43.00 43.27
N ASP A 374 0.42 -43.44 42.30
CA ASP A 374 -0.98 -43.06 42.22
C ASP A 374 -1.75 -43.51 43.46
N ARG A 375 -1.23 -44.53 44.14
CA ARG A 375 -1.88 -45.04 45.35
C ARG A 375 -1.63 -44.14 46.55
N MET A 376 -0.39 -43.66 46.68
CA MET A 376 0.02 -42.90 47.85
C MET A 376 -0.23 -41.40 47.71
N THR A 377 -0.36 -40.92 46.48
CA THR A 377 -0.65 -39.51 46.24
C THR A 377 -2.09 -39.20 46.60
N LEU A 378 -2.99 -40.13 46.26
CA LEU A 378 -4.41 -39.93 46.51
C LEU A 378 -4.79 -40.36 47.93
N THR A 379 -4.22 -41.46 48.39
CA THR A 379 -4.58 -42.02 49.69
C THR A 379 -3.72 -41.47 50.82
N MET A 380 -2.47 -41.93 50.88
CA MET A 380 -1.58 -41.57 51.97
C MET A 380 -1.22 -40.09 51.97
N ALA A 381 -0.80 -39.60 53.13
CA ALA A 381 -0.28 -38.24 53.26
C ALA A 381 1.18 -38.32 53.65
N VAL A 382 2.06 -37.94 52.74
CA VAL A 382 3.50 -38.02 52.95
C VAL A 382 3.91 -37.31 54.25
N GLU A 383 4.56 -38.04 55.14
CA GLU A 383 4.94 -37.47 56.42
C GLU A 383 6.46 -37.40 56.59
N LEU A 384 6.94 -36.17 56.54
CA LEU A 384 8.34 -35.80 56.74
C LEU A 384 9.17 -36.68 57.65
N PRO A 385 10.44 -36.90 57.28
CA PRO A 385 11.44 -37.33 58.26
C PRO A 385 11.83 -36.10 59.08
N ASP A 386 11.78 -36.21 60.41
CA ASP A 386 12.00 -35.04 61.26
C ASP A 386 13.41 -34.46 61.14
N SER A 387 14.14 -34.88 60.12
CA SER A 387 15.43 -34.28 59.79
C SER A 387 15.23 -32.88 59.25
N PHE A 388 14.09 -32.66 58.62
CA PHE A 388 13.74 -31.34 58.08
C PHE A 388 13.52 -30.34 59.20
N SER A 389 13.46 -29.06 58.83
CA SER A 389 13.19 -28.00 59.78
C SER A 389 11.70 -27.72 59.86
N PRO A 390 11.28 -26.99 60.91
CA PRO A 390 9.86 -26.64 61.09
C PRO A 390 9.31 -25.82 59.92
N GLU A 391 10.17 -25.04 59.28
CA GLU A 391 9.75 -24.21 58.15
C GLU A 391 9.70 -25.02 56.87
N LEU A 392 10.67 -25.90 56.67
CA LEU A 392 10.72 -26.77 55.50
C LEU A 392 9.50 -27.68 55.43
N ARG A 393 9.09 -28.17 56.60
CA ARG A 393 7.89 -29.00 56.68
C ARG A 393 6.66 -28.16 56.36
N SER A 394 6.57 -27.00 57.01
CA SER A 394 5.45 -26.09 56.82
C SER A 394 5.23 -25.75 55.35
N LEU A 395 6.29 -25.89 54.55
CA LEU A 395 6.20 -25.66 53.12
C LEU A 395 5.72 -26.92 52.39
N LEU A 396 6.46 -28.01 52.56
CA LEU A 396 6.13 -29.27 51.91
C LEU A 396 4.77 -29.80 52.34
N GLU A 397 4.38 -29.50 53.58
CA GLU A 397 3.06 -29.88 54.06
C GLU A 397 1.98 -29.21 53.23
N GLY A 398 2.20 -27.94 52.90
CA GLY A 398 1.24 -27.17 52.14
C GLY A 398 1.26 -27.48 50.66
N LEU A 399 2.44 -27.73 50.12
CA LEU A 399 2.59 -28.01 48.69
C LEU A 399 2.09 -29.41 48.33
N LEU A 400 2.19 -30.35 49.28
CA LEU A 400 1.87 -31.74 49.00
C LEU A 400 0.52 -32.16 49.57
N GLN A 401 -0.40 -31.21 49.71
CA GLN A 401 -1.77 -31.53 50.11
C GLN A 401 -2.53 -32.09 48.91
N ARG A 402 -3.57 -32.87 49.17
CA ARG A 402 -4.37 -33.43 48.10
C ARG A 402 -5.47 -32.47 47.69
N ASP A 403 -5.88 -31.62 48.63
CA ASP A 403 -6.90 -30.62 48.38
C ASP A 403 -6.32 -29.38 47.72
N VAL A 404 -6.87 -29.02 46.56
CA VAL A 404 -6.51 -27.77 45.91
C VAL A 404 -7.08 -26.61 46.73
N ASN A 405 -8.11 -26.93 47.49
CA ASN A 405 -8.79 -25.93 48.32
C ASN A 405 -7.99 -25.56 49.57
N ARG A 406 -6.95 -26.34 49.86
CA ARG A 406 -6.12 -26.10 51.04
C ARG A 406 -4.64 -26.28 50.75
N ARG A 407 -4.24 -26.03 49.50
CA ARG A 407 -2.83 -26.19 49.12
C ARG A 407 -2.17 -24.84 48.86
N LEU A 408 -0.86 -24.79 49.12
CA LEU A 408 -0.10 -23.56 48.97
C LEU A 408 -0.06 -23.10 47.51
N GLY A 409 -0.63 -21.92 47.26
CA GLY A 409 -0.62 -21.35 45.93
C GLY A 409 -1.91 -21.61 45.17
N CYS A 410 -2.91 -22.12 45.87
CA CYS A 410 -4.18 -22.46 45.24
C CYS A 410 -5.37 -21.82 45.95
N LEU A 411 -5.09 -20.91 46.88
CA LEU A 411 -6.18 -20.28 47.63
C LEU A 411 -6.34 -18.79 47.32
N GLY A 412 -6.02 -18.40 46.08
CA GLY A 412 -6.33 -17.06 45.64
C GLY A 412 -5.21 -16.26 44.99
N ARG A 413 -4.01 -16.32 45.58
CA ARG A 413 -2.92 -15.46 45.12
C ARG A 413 -1.79 -16.22 44.43
N GLY A 414 -1.94 -17.53 44.32
CA GLY A 414 -0.96 -18.35 43.61
C GLY A 414 0.43 -18.34 44.20
N ALA A 415 1.42 -17.97 43.40
CA ALA A 415 2.82 -18.03 43.80
C ALA A 415 3.15 -17.09 44.95
N GLN A 416 2.43 -15.98 45.04
CA GLN A 416 2.67 -15.00 46.10
C GLN A 416 2.47 -15.62 47.49
N GLU A 417 1.70 -16.70 47.52
CA GLU A 417 1.47 -17.42 48.77
C GLU A 417 2.65 -18.32 49.08
N VAL A 418 3.27 -18.86 48.03
CA VAL A 418 4.43 -19.74 48.19
C VAL A 418 5.66 -18.93 48.61
N LYS A 419 5.82 -17.76 48.00
CA LYS A 419 6.91 -16.86 48.35
C LYS A 419 6.80 -16.40 49.80
N GLU A 420 5.58 -16.44 50.33
CA GLU A 420 5.27 -15.90 51.65
C GLU A 420 5.57 -16.89 52.77
N SER A 421 5.83 -18.15 52.41
CA SER A 421 6.13 -19.19 53.40
C SER A 421 7.34 -18.80 54.24
N PRO A 422 7.32 -19.19 55.52
CA PRO A 422 8.41 -18.89 56.46
C PRO A 422 9.75 -19.48 56.01
N PHE A 423 9.69 -20.42 55.07
CA PHE A 423 10.90 -21.05 54.54
C PHE A 423 11.69 -20.08 53.67
N PHE A 424 11.01 -19.11 53.07
CA PHE A 424 11.66 -18.12 52.21
C PHE A 424 11.76 -16.76 52.87
N ARG A 425 11.58 -16.72 54.19
CA ARG A 425 11.59 -15.46 54.94
C ARG A 425 12.87 -14.66 54.73
N SER A 426 13.97 -15.35 54.47
CA SER A 426 15.28 -14.72 54.37
C SER A 426 15.59 -14.16 52.98
N LEU A 427 14.72 -14.48 52.01
CA LEU A 427 15.01 -14.11 50.62
C LEU A 427 14.38 -12.80 50.18
N ASP A 428 15.12 -12.04 49.39
CA ASP A 428 14.60 -10.86 48.71
C ASP A 428 14.25 -11.26 47.28
N TRP A 429 12.96 -11.44 47.01
CA TRP A 429 12.52 -11.96 45.71
C TRP A 429 12.87 -11.05 44.55
N GLN A 430 13.12 -9.77 44.84
CA GLN A 430 13.55 -8.85 43.80
C GLN A 430 14.94 -9.22 43.30
N MET A 431 15.82 -9.56 44.23
CA MET A 431 17.18 -9.93 43.89
C MET A 431 17.26 -11.39 43.41
N VAL A 432 16.21 -12.16 43.69
CA VAL A 432 16.11 -13.52 43.17
C VAL A 432 15.86 -13.46 41.68
N PHE A 433 15.00 -12.53 41.27
CA PHE A 433 14.68 -12.32 39.86
C PHE A 433 15.89 -11.81 39.10
N LEU A 434 16.70 -11.00 39.77
CA LEU A 434 17.89 -10.42 39.15
C LEU A 434 19.04 -11.43 39.17
N GLN A 435 18.78 -12.60 39.76
CA GLN A 435 19.79 -13.66 39.83
C GLN A 435 21.04 -13.18 40.57
N LYS A 436 20.83 -12.51 41.70
CA LYS A 436 21.92 -11.95 42.49
C LYS A 436 22.51 -12.96 43.45
N TYR A 437 21.70 -13.93 43.88
CA TYR A 437 22.13 -14.94 44.82
C TYR A 437 23.12 -15.92 44.18
N PRO A 438 24.10 -16.38 44.97
CA PRO A 438 25.15 -17.30 44.50
C PRO A 438 24.65 -18.74 44.38
N PRO A 439 24.78 -19.32 43.17
CA PRO A 439 24.41 -20.71 42.90
C PRO A 439 25.18 -21.70 43.78
N PRO A 440 24.50 -22.74 44.28
CA PRO A 440 25.10 -23.76 45.13
C PRO A 440 26.14 -24.61 44.40
N LEU A 441 25.94 -24.80 43.10
CA LEU A 441 26.82 -25.66 42.33
C LEU A 441 27.18 -25.03 40.98
N ILE A 442 28.46 -24.76 40.79
CA ILE A 442 28.96 -24.22 39.53
C ILE A 442 29.57 -25.34 38.68
N PRO A 443 28.91 -25.65 37.56
CA PRO A 443 29.28 -26.75 36.66
C PRO A 443 30.71 -26.67 36.14
N PRO A 444 31.46 -27.79 36.22
CA PRO A 444 32.79 -27.89 35.59
C PRO A 444 32.69 -27.65 34.09
N ARG A 445 33.68 -26.95 33.53
CA ARG A 445 33.59 -26.52 32.14
C ARG A 445 34.01 -27.59 31.14
N GLY A 446 33.09 -27.95 30.25
CA GLY A 446 33.42 -28.80 29.12
C GLY A 446 33.06 -30.27 29.23
N GLU A 447 31.96 -30.59 29.91
CA GLU A 447 31.49 -31.97 30.00
C GLU A 447 30.18 -32.10 30.77
N VAL A 448 29.47 -33.20 30.52
CA VAL A 448 28.22 -33.51 31.22
C VAL A 448 27.69 -34.88 30.82
N LYS A 465 15.81 -46.43 9.97
CA LYS A 465 15.97 -45.82 8.65
C LYS A 465 14.90 -46.32 7.67
N GLY A 466 14.30 -47.47 7.99
CA GLY A 466 13.24 -48.04 7.18
C GLY A 466 11.92 -47.33 7.38
N ILE A 467 11.97 -46.00 7.38
CA ILE A 467 10.80 -45.18 7.67
C ILE A 467 10.66 -44.05 6.65
N LYS A 468 9.44 -43.84 6.17
CA LYS A 468 9.23 -42.88 5.10
C LYS A 468 8.33 -41.73 5.53
N LEU A 469 8.73 -40.52 5.16
CA LEU A 469 7.97 -39.31 5.48
C LEU A 469 7.10 -38.89 4.29
N LEU A 470 5.79 -39.09 4.43
CA LEU A 470 4.85 -38.69 3.38
C LEU A 470 4.56 -37.19 3.48
N ASP A 471 4.08 -36.62 2.39
CA ASP A 471 3.82 -35.18 2.33
C ASP A 471 2.73 -34.75 3.29
N SER A 472 1.74 -35.62 3.51
CA SER A 472 0.64 -35.33 4.41
C SER A 472 1.14 -35.10 5.83
N ASP A 473 2.19 -35.83 6.20
CA ASP A 473 2.82 -35.65 7.50
C ASP A 473 3.65 -34.37 7.51
N GLN A 474 4.18 -34.01 6.35
CA GLN A 474 4.91 -32.76 6.19
C GLN A 474 3.97 -31.57 6.21
N GLU A 475 2.67 -31.85 6.06
CA GLU A 475 1.67 -30.79 6.10
C GLU A 475 1.23 -30.52 7.52
N LEU A 476 1.72 -31.34 8.46
CA LEU A 476 1.53 -31.07 9.88
C LEU A 476 2.42 -29.92 10.31
N TYR A 477 3.56 -29.78 9.63
CA TYR A 477 4.54 -28.77 9.95
C TYR A 477 4.46 -27.58 9.00
N ARG A 478 3.25 -27.28 8.53
CA ARG A 478 3.03 -26.17 7.61
C ARG A 478 3.32 -24.82 8.28
N ASN A 479 2.68 -24.58 9.40
CA ASN A 479 2.86 -23.34 10.15
C ASN A 479 3.79 -23.49 11.34
N PHE A 480 4.74 -24.41 11.21
CA PHE A 480 5.74 -24.62 12.27
C PHE A 480 6.69 -23.43 12.39
N PRO A 481 7.22 -22.95 11.25
CA PRO A 481 8.11 -21.78 11.25
C PRO A 481 7.51 -20.58 11.98
N LEU A 482 8.28 -20.01 12.91
CA LEU A 482 7.83 -18.86 13.69
C LEU A 482 9.01 -18.00 14.11
N THR A 483 8.72 -16.76 14.49
CA THR A 483 9.75 -15.84 14.96
C THR A 483 9.22 -14.89 16.02
N ILE A 484 9.76 -15.00 17.23
CA ILE A 484 9.36 -14.11 18.31
C ILE A 484 9.95 -12.73 18.08
N SER A 485 9.09 -11.78 17.72
CA SER A 485 9.53 -10.43 17.38
C SER A 485 10.34 -9.79 18.50
N GLU A 486 9.97 -10.10 19.73
CA GLU A 486 10.64 -9.55 20.91
C GLU A 486 12.08 -10.06 20.99
N ARG A 487 12.25 -11.35 20.73
CA ARG A 487 13.57 -11.97 20.78
C ARG A 487 14.49 -11.46 19.69
N TRP A 488 14.00 -11.43 18.45
CA TRP A 488 14.82 -11.04 17.31
C TRP A 488 15.28 -9.60 17.38
N GLN A 489 14.36 -8.70 17.72
CA GLN A 489 14.70 -7.29 17.84
C GLN A 489 15.70 -7.06 18.96
N GLN A 490 15.53 -7.78 20.07
CA GLN A 490 16.43 -7.69 21.20
C GLN A 490 17.84 -8.15 20.80
N GLU A 491 17.90 -9.27 20.09
CA GLU A 491 19.16 -9.82 19.60
C GLU A 491 19.86 -8.82 18.68
N VAL A 492 19.10 -8.21 17.78
CA VAL A 492 19.65 -7.23 16.85
C VAL A 492 20.15 -5.97 17.56
N ALA A 493 19.38 -5.51 18.54
CA ALA A 493 19.69 -4.28 19.25
C ALA A 493 21.00 -4.41 20.03
N GLU A 494 21.22 -5.58 20.61
CA GLU A 494 22.39 -5.80 21.48
C GLU A 494 23.59 -6.33 20.69
N THR A 495 23.58 -6.12 19.37
CA THR A 495 24.64 -6.64 18.53
C THR A 495 25.01 -5.72 17.37
N VAL A 496 24.28 -5.86 16.26
CA VAL A 496 24.67 -5.22 15.02
C VAL A 496 23.86 -3.97 14.66
N PHE A 497 22.81 -3.70 15.45
CA PHE A 497 21.85 -2.66 15.10
C PHE A 497 22.49 -1.29 14.90
N ASP A 498 23.30 -0.85 15.86
CA ASP A 498 23.91 0.49 15.79
C ASP A 498 24.88 0.64 14.62
N THR A 499 25.74 -0.35 14.44
CA THR A 499 26.76 -0.29 13.40
C THR A 499 26.16 -0.44 12.00
N ILE A 500 25.17 -1.33 11.87
CA ILE A 500 24.49 -1.53 10.60
C ILE A 500 23.80 -0.24 10.16
N ASN A 501 23.25 0.50 11.12
CA ASN A 501 22.63 1.78 10.82
C ASN A 501 23.65 2.81 10.35
N ALA A 502 24.86 2.74 10.93
CA ALA A 502 25.92 3.65 10.56
C ALA A 502 26.35 3.45 9.11
N GLU A 503 26.64 2.20 8.75
CA GLU A 503 27.02 1.87 7.39
C GLU A 503 25.91 2.20 6.40
N THR A 504 24.70 1.77 6.73
CA THR A 504 23.55 2.00 5.87
C THR A 504 23.27 3.49 5.68
N ASP A 505 23.56 4.28 6.70
CA ASP A 505 23.37 5.72 6.62
C ASP A 505 24.30 6.34 5.59
N ARG A 506 25.59 5.98 5.65
CA ARG A 506 26.58 6.58 4.77
C ARG A 506 26.49 6.01 3.36
N LEU A 507 26.03 4.77 3.25
CA LEU A 507 25.84 4.14 1.96
C LEU A 507 24.69 4.79 1.20
N GLU A 508 23.72 5.29 1.94
CA GLU A 508 22.57 5.98 1.34
C GLU A 508 22.93 7.41 0.96
N ALA A 509 23.78 8.04 1.77
CA ALA A 509 24.27 9.38 1.46
C ALA A 509 25.18 9.33 0.26
N ARG A 510 25.86 8.18 0.10
CA ARG A 510 26.77 7.98 -1.01
C ARG A 510 26.02 7.91 -2.33
N LYS A 511 24.92 7.16 -2.35
CA LYS A 511 24.08 7.06 -3.55
C LYS A 511 23.46 8.41 -3.90
N LYS A 512 23.10 9.17 -2.86
CA LYS A 512 22.43 10.46 -3.05
C LYS A 512 23.37 11.47 -3.69
N ALA A 513 24.59 11.56 -3.17
CA ALA A 513 25.59 12.49 -3.70
C ALA A 513 25.92 12.15 -5.14
N LYS A 514 25.93 10.86 -5.46
CA LYS A 514 26.20 10.41 -6.82
C LYS A 514 25.09 10.87 -7.75
N ASN A 515 23.84 10.72 -7.29
CA ASN A 515 22.69 11.17 -8.06
C ASN A 515 22.66 12.68 -8.20
N LYS A 516 23.36 13.37 -7.30
CA LYS A 516 23.51 14.81 -7.39
C LYS A 516 24.37 15.17 -8.60
N GLN A 517 25.53 14.52 -8.71
CA GLN A 517 26.44 14.74 -9.83
C GLN A 517 25.77 14.41 -11.17
N LEU A 518 25.20 13.21 -11.25
CA LEU A 518 24.51 12.78 -12.47
C LEU A 518 23.33 13.70 -12.78
N GLY A 519 22.74 14.27 -11.74
CA GLY A 519 21.81 15.37 -11.93
C GLY A 519 20.33 15.21 -11.63
N HIS A 520 19.90 14.02 -11.22
CA HIS A 520 18.50 13.80 -10.88
C HIS A 520 18.32 12.87 -9.68
N GLU A 521 17.98 13.36 -8.48
CA GLU A 521 17.79 14.78 -8.11
C GLU A 521 16.31 15.21 -8.13
N GLU A 522 15.47 14.49 -8.86
CA GLU A 522 14.02 14.74 -8.80
C GLU A 522 13.24 13.44 -8.92
N ASP A 523 12.43 13.17 -7.90
CA ASP A 523 11.75 11.88 -7.77
C ASP A 523 10.60 11.72 -8.76
N TYR A 524 10.56 10.55 -9.40
CA TYR A 524 9.57 10.25 -10.42
C TYR A 524 8.21 9.92 -9.81
N ALA A 525 8.22 9.54 -8.53
CA ALA A 525 7.00 9.09 -7.86
C ALA A 525 6.31 10.22 -7.10
N LEU A 526 6.89 11.42 -7.14
CA LEU A 526 6.33 12.55 -6.42
C LEU A 526 5.57 13.50 -7.34
N GLY A 527 4.62 14.23 -6.77
CA GLY A 527 3.87 15.23 -7.50
C GLY A 527 2.86 14.63 -8.46
N LYS A 528 2.61 13.34 -8.30
CA LYS A 528 1.67 12.65 -9.18
C LYS A 528 0.63 11.88 -8.36
N ASP A 529 0.04 10.87 -8.97
CA ASP A 529 -0.95 10.04 -8.29
C ASP A 529 -0.45 8.61 -8.16
N CYS A 530 0.87 8.46 -8.06
CA CYS A 530 1.49 7.15 -7.89
C CYS A 530 1.00 6.46 -6.62
N ILE A 531 0.62 5.19 -6.76
CA ILE A 531 0.07 4.43 -5.64
C ILE A 531 1.16 3.76 -4.81
N MET A 532 2.18 3.26 -5.49
CA MET A 532 3.26 2.52 -4.82
C MET A 532 4.40 2.25 -5.80
N HIS A 533 5.59 2.02 -5.26
CA HIS A 533 6.75 1.76 -6.11
C HIS A 533 7.82 0.97 -5.36
N GLY A 534 8.75 0.38 -6.11
CA GLY A 534 9.81 -0.41 -5.53
C GLY A 534 10.39 -1.40 -6.52
N TYR A 535 11.40 -2.15 -6.08
CA TYR A 535 12.07 -3.10 -6.96
C TYR A 535 11.31 -4.41 -7.11
N MET A 536 11.31 -4.94 -8.33
CA MET A 536 10.82 -6.28 -8.61
C MET A 536 11.61 -6.86 -9.77
N SER A 537 11.43 -8.15 -10.04
CA SER A 537 12.09 -8.77 -11.17
C SER A 537 11.06 -9.42 -12.09
N LYS A 538 11.18 -9.15 -13.40
CA LYS A 538 10.22 -9.62 -14.38
C LYS A 538 10.80 -10.73 -15.26
N MET A 539 9.99 -11.22 -16.19
CA MET A 539 10.43 -12.22 -17.16
C MET A 539 9.38 -12.44 -18.24
N TRP A 547 15.22 -13.67 -15.90
CA TRP A 547 14.80 -12.67 -14.91
C TRP A 547 15.53 -11.34 -15.11
N GLN A 548 14.79 -10.25 -14.91
CA GLN A 548 15.35 -8.91 -14.99
C GLN A 548 14.84 -8.05 -13.85
N ARG A 549 15.76 -7.44 -13.09
CA ARG A 549 15.37 -6.63 -11.95
C ARG A 549 15.16 -5.17 -12.34
N ARG A 550 13.93 -4.70 -12.16
CA ARG A 550 13.58 -3.33 -12.52
C ARG A 550 12.91 -2.60 -11.36
N TYR A 551 12.78 -1.28 -11.49
CA TYR A 551 12.10 -0.49 -10.49
C TYR A 551 10.72 -0.12 -11.01
N PHE A 552 9.68 -0.57 -10.30
CA PHE A 552 8.30 -0.38 -10.76
C PHE A 552 7.60 0.81 -10.13
N TYR A 553 6.70 1.41 -10.89
CA TYR A 553 5.83 2.47 -10.40
C TYR A 553 4.38 2.12 -10.71
N LEU A 554 3.57 1.97 -9.67
CA LEU A 554 2.17 1.62 -9.86
C LEU A 554 1.28 2.86 -9.84
N PHE A 555 0.62 3.13 -10.95
CA PHE A 555 -0.34 4.22 -11.04
C PHE A 555 -1.75 3.64 -11.11
N PRO A 556 -2.76 4.51 -10.94
CA PRO A 556 -4.17 4.08 -10.97
C PRO A 556 -4.57 3.40 -12.27
N ASN A 557 -3.84 3.66 -13.35
CA ASN A 557 -4.23 3.15 -14.66
C ASN A 557 -3.11 2.44 -15.42
N ARG A 558 -1.96 2.25 -14.78
CA ARG A 558 -0.83 1.63 -15.46
C ARG A 558 0.28 1.20 -14.50
N LEU A 559 1.08 0.25 -14.95
CA LEU A 559 2.24 -0.20 -14.19
C LEU A 559 3.51 0.04 -14.98
N GLU A 560 4.21 1.12 -14.63
CA GLU A 560 5.46 1.48 -15.30
C GLU A 560 6.66 0.82 -14.63
N TRP A 561 7.71 0.56 -15.40
CA TRP A 561 8.95 0.06 -14.84
C TRP A 561 10.16 0.57 -15.61
N ARG A 562 11.30 0.60 -14.93
CA ARG A 562 12.52 1.11 -15.52
C ARG A 562 13.75 0.32 -15.06
N GLY A 563 14.84 0.46 -15.81
CA GLY A 563 16.12 -0.04 -15.36
C GLY A 563 16.83 1.09 -14.64
N GLU A 564 18.15 1.00 -14.53
CA GLU A 564 18.92 2.08 -13.94
C GLU A 564 19.51 2.95 -15.03
N GLY A 565 19.35 4.27 -14.89
CA GLY A 565 19.95 5.18 -15.84
C GLY A 565 18.98 5.95 -16.70
N GLU A 566 17.69 5.73 -16.51
CA GLU A 566 16.67 6.49 -17.23
C GLU A 566 15.27 6.22 -16.70
N ALA A 567 14.37 7.18 -16.91
CA ALA A 567 12.97 7.02 -16.53
C ALA A 567 12.32 5.92 -17.37
N PRO A 568 11.24 5.34 -16.85
CA PRO A 568 10.53 4.21 -17.46
C PRO A 568 10.19 4.40 -18.94
N GLN A 569 10.54 3.40 -19.74
CA GLN A 569 10.23 3.42 -21.17
C GLN A 569 9.19 2.35 -21.50
N SER A 570 8.93 1.48 -20.54
CA SER A 570 7.96 0.40 -20.70
C SER A 570 6.88 0.49 -19.63
N LEU A 571 5.72 -0.09 -19.91
CA LEU A 571 4.65 -0.12 -18.92
C LEU A 571 3.59 -1.18 -19.25
N LEU A 572 2.58 -1.26 -18.39
CA LEU A 572 1.48 -2.19 -18.57
C LEU A 572 0.19 -1.58 -18.00
N THR A 573 -0.74 -1.27 -18.87
CA THR A 573 -1.99 -0.63 -18.46
C THR A 573 -2.86 -1.58 -17.62
N MET A 574 -3.62 -1.01 -16.70
CA MET A 574 -4.50 -1.80 -15.84
C MET A 574 -5.59 -2.48 -16.63
N GLU A 575 -6.08 -1.81 -17.67
CA GLU A 575 -7.12 -2.37 -18.52
C GLU A 575 -6.59 -3.57 -19.31
N GLU A 576 -5.28 -3.66 -19.43
CA GLU A 576 -4.61 -4.73 -20.17
C GLU A 576 -4.47 -5.99 -19.31
N ILE A 577 -4.63 -5.82 -18.00
CA ILE A 577 -4.47 -6.92 -17.06
C ILE A 577 -5.78 -7.67 -16.84
N GLN A 578 -5.72 -9.00 -16.93
CA GLN A 578 -6.93 -9.82 -16.76
C GLN A 578 -7.04 -10.35 -15.33
N SER A 579 -5.96 -10.95 -14.84
CA SER A 579 -5.97 -11.52 -13.50
C SER A 579 -4.61 -11.42 -12.83
N VAL A 580 -4.60 -11.57 -11.51
CA VAL A 580 -3.37 -11.58 -10.74
C VAL A 580 -3.36 -12.78 -9.79
N GLU A 581 -2.70 -13.85 -10.21
CA GLU A 581 -2.68 -15.09 -9.43
C GLU A 581 -1.27 -15.40 -8.93
N GLU A 582 -1.20 -15.93 -7.70
CA GLU A 582 0.06 -16.40 -7.14
C GLU A 582 0.39 -17.78 -7.67
N THR A 583 1.63 -17.95 -8.13
CA THR A 583 2.07 -19.24 -8.66
C THR A 583 3.44 -19.63 -8.11
N GLN A 584 3.78 -20.91 -8.26
CA GLN A 584 5.05 -21.43 -7.75
C GLN A 584 6.06 -21.66 -8.86
N ILE A 585 7.29 -21.18 -8.65
CA ILE A 585 8.38 -21.37 -9.59
C ILE A 585 9.70 -21.53 -8.86
N LYS A 586 10.26 -22.73 -8.93
CA LYS A 586 11.54 -23.04 -8.26
C LYS A 586 11.38 -22.87 -6.75
N GLU A 587 10.27 -23.36 -6.22
CA GLU A 587 9.97 -23.23 -4.79
C GLU A 587 9.93 -21.77 -4.35
N ARG A 588 9.68 -20.88 -5.30
CA ARG A 588 9.56 -19.46 -5.00
C ARG A 588 8.19 -18.91 -5.42
N LYS A 589 7.57 -18.16 -4.52
CA LYS A 589 6.28 -17.54 -4.80
C LYS A 589 6.44 -16.38 -5.77
N CYS A 590 5.61 -16.38 -6.81
CA CYS A 590 5.64 -15.33 -7.83
C CYS A 590 4.25 -14.84 -8.17
N LEU A 591 4.16 -13.63 -8.71
CA LEU A 591 2.89 -13.10 -9.20
C LEU A 591 2.78 -13.30 -10.69
N LEU A 592 1.69 -13.93 -11.13
CA LEU A 592 1.48 -14.19 -12.54
C LEU A 592 0.38 -13.29 -13.11
N LEU A 593 0.77 -12.38 -13.99
CA LEU A 593 -0.18 -11.45 -14.60
C LEU A 593 -0.64 -11.94 -15.96
N LYS A 594 -1.93 -12.23 -16.08
CA LYS A 594 -2.49 -12.63 -17.36
C LYS A 594 -2.91 -11.39 -18.17
N ILE A 595 -2.28 -11.23 -19.32
CA ILE A 595 -2.56 -10.08 -20.19
C ILE A 595 -3.54 -10.47 -21.28
N ARG A 596 -4.26 -9.47 -21.81
CA ARG A 596 -5.32 -9.68 -22.79
C ARG A 596 -4.91 -10.55 -23.98
N GLY A 597 -3.80 -10.21 -24.61
CA GLY A 597 -3.37 -10.91 -25.81
C GLY A 597 -2.92 -12.35 -25.63
N GLY A 598 -3.51 -13.03 -24.64
CA GLY A 598 -3.15 -14.40 -24.36
C GLY A 598 -1.77 -14.54 -23.75
N LYS A 599 -1.09 -13.41 -23.58
CA LYS A 599 0.25 -13.40 -22.99
C LYS A 599 0.15 -13.38 -21.47
N GLN A 600 1.29 -13.50 -20.80
CA GLN A 600 1.32 -13.49 -19.34
C GLN A 600 2.60 -12.83 -18.82
N PHE A 601 2.46 -12.13 -17.69
CA PHE A 601 3.56 -11.38 -17.11
C PHE A 601 3.84 -11.86 -15.68
N ILE A 602 5.05 -12.36 -15.45
CA ILE A 602 5.40 -12.92 -14.15
C ILE A 602 6.38 -12.04 -13.37
N LEU A 603 6.03 -11.74 -12.13
CA LEU A 603 6.84 -10.88 -11.27
C LEU A 603 7.43 -11.66 -10.11
N GLN A 604 8.54 -11.15 -9.56
CA GLN A 604 9.19 -11.78 -8.42
C GLN A 604 9.62 -10.73 -7.39
N CYS A 605 9.13 -10.87 -6.16
CA CYS A 605 9.40 -9.89 -5.13
C CYS A 605 10.58 -10.30 -4.26
N ASP A 606 11.24 -9.32 -3.64
CA ASP A 606 12.43 -9.57 -2.85
C ASP A 606 12.08 -10.08 -1.46
N SER A 607 10.84 -9.85 -1.03
CA SER A 607 10.41 -10.27 0.31
C SER A 607 8.94 -10.65 0.32
N ASP A 608 8.55 -11.43 1.34
CA ASP A 608 7.17 -11.85 1.50
C ASP A 608 6.20 -10.68 1.63
N PRO A 609 6.54 -9.68 2.47
CA PRO A 609 5.70 -8.48 2.61
C PRO A 609 5.41 -7.79 1.29
N GLU A 610 6.40 -7.73 0.41
CA GLU A 610 6.24 -7.11 -0.89
C GLU A 610 5.33 -7.94 -1.79
N LEU A 611 5.44 -9.26 -1.69
CA LEU A 611 4.58 -10.16 -2.46
C LEU A 611 3.12 -9.96 -2.09
N VAL A 612 2.87 -9.82 -0.78
CA VAL A 612 1.52 -9.64 -0.26
C VAL A 612 0.91 -8.32 -0.68
N GLN A 613 1.71 -7.25 -0.62
CA GLN A 613 1.22 -5.91 -0.89
C GLN A 613 1.03 -5.68 -2.39
N TRP A 614 1.98 -6.15 -3.19
CA TRP A 614 1.90 -5.99 -4.64
C TRP A 614 0.70 -6.74 -5.21
N LYS A 615 0.45 -7.94 -4.69
CA LYS A 615 -0.69 -8.72 -5.15
C LYS A 615 -1.99 -8.02 -4.79
N LYS A 616 -1.99 -7.34 -3.65
CA LYS A 616 -3.17 -6.62 -3.19
C LYS A 616 -3.38 -5.34 -3.99
N GLU A 617 -2.32 -4.55 -4.14
CA GLU A 617 -2.42 -3.25 -4.80
C GLU A 617 -2.70 -3.40 -6.30
N LEU A 618 -2.17 -4.46 -6.90
CA LEU A 618 -2.37 -4.72 -8.32
C LEU A 618 -3.81 -5.17 -8.58
N ARG A 619 -4.33 -6.04 -7.73
CA ARG A 619 -5.71 -6.50 -7.84
C ARG A 619 -6.69 -5.35 -7.67
N ASP A 620 -6.46 -4.51 -6.67
CA ASP A 620 -7.31 -3.35 -6.43
C ASP A 620 -7.21 -2.36 -7.59
N ALA A 621 -6.02 -2.23 -8.15
CA ALA A 621 -5.77 -1.24 -9.19
C ALA A 621 -6.51 -1.54 -10.47
N TYR A 622 -6.29 -2.71 -11.04
CA TYR A 622 -6.83 -3.05 -12.35
C TYR A 622 -8.35 -3.25 -12.29
N ARG A 623 -8.84 -3.76 -11.17
CA ARG A 623 -10.28 -3.95 -10.99
C ARG A 623 -10.98 -2.60 -10.89
N GLU A 624 -10.37 -1.67 -10.18
CA GLU A 624 -10.92 -0.32 -10.03
C GLU A 624 -10.87 0.44 -11.35
N ALA A 625 -9.75 0.30 -12.05
CA ALA A 625 -9.53 1.01 -13.30
C ALA A 625 -10.50 0.53 -14.39
N GLN A 626 -10.61 -0.79 -14.54
CA GLN A 626 -11.52 -1.37 -15.53
C GLN A 626 -12.96 -1.01 -15.19
N GLN A 627 -13.27 -0.98 -13.90
CA GLN A 627 -14.57 -0.56 -13.41
C GLN A 627 -14.87 0.87 -13.82
N LEU A 628 -13.83 1.71 -13.78
CA LEU A 628 -13.98 3.13 -14.06
C LEU A 628 -14.03 3.42 -15.57
N VAL A 629 -13.12 2.82 -16.32
CA VAL A 629 -13.02 3.08 -17.76
C VAL A 629 -14.32 2.73 -18.50
N GLN A 630 -15.04 1.75 -17.99
CA GLN A 630 -16.28 1.30 -18.62
C GLN A 630 -17.35 2.39 -18.59
N ARG A 631 -17.23 3.31 -17.64
CA ARG A 631 -18.20 4.38 -17.50
C ARG A 631 -17.82 5.60 -18.35
N VAL A 632 -16.64 5.54 -18.95
CA VAL A 632 -16.14 6.67 -19.73
C VAL A 632 -16.25 6.41 -21.24
N PRO A 633 -17.09 7.20 -21.93
CA PRO A 633 -17.35 7.08 -23.36
C PRO A 633 -16.09 7.10 -24.21
N LYS A 634 -15.22 8.08 -23.98
CA LYS A 634 -14.03 8.24 -24.81
C LYS A 634 -12.95 7.19 -24.52
N MET A 635 -13.00 6.59 -23.34
CA MET A 635 -11.97 5.65 -22.91
C MET A 635 -12.30 4.18 -23.15
N LYS A 636 -13.57 3.82 -23.00
CA LYS A 636 -13.97 2.42 -23.06
C LYS A 636 -14.03 1.89 -24.50
N ASN A 637 -13.96 0.57 -24.63
CA ASN A 637 -14.01 -0.08 -25.92
C ASN A 637 -15.43 -0.11 -26.48
N LYS A 638 -15.58 0.32 -27.72
CA LYS A 638 -16.88 0.31 -28.38
C LYS A 638 -16.94 -0.81 -29.42
N PRO A 639 -18.15 -1.14 -29.89
CA PRO A 639 -18.44 -2.26 -30.81
C PRO A 639 -17.41 -2.42 -31.93
N SER B 1 -54.17 20.90 -14.95
CA SER B 1 -52.78 20.98 -14.52
C SER B 1 -52.15 22.30 -14.95
N GLU B 2 -50.89 22.51 -14.57
CA GLU B 2 -50.12 23.64 -15.08
C GLU B 2 -48.89 23.12 -15.82
N LEU B 3 -48.53 21.88 -15.51
CA LEU B 3 -47.56 21.15 -16.30
C LEU B 3 -48.30 20.55 -17.48
N ASP B 4 -49.58 20.92 -17.58
CA ASP B 4 -50.48 20.43 -18.61
C ASP B 4 -49.99 20.76 -20.02
N GLN B 5 -49.92 22.06 -20.33
CA GLN B 5 -49.59 22.49 -21.68
C GLN B 5 -48.13 22.85 -21.81
N LEU B 6 -47.47 23.09 -20.67
CA LEU B 6 -46.04 23.40 -20.67
C LEU B 6 -45.23 22.26 -21.31
N ARG B 7 -45.85 21.10 -21.42
CA ARG B 7 -45.26 19.98 -22.15
C ARG B 7 -45.88 19.87 -23.54
N GLN B 8 -47.12 20.32 -23.67
CA GLN B 8 -47.80 20.38 -24.95
C GLN B 8 -47.36 21.61 -25.74
N GLU B 9 -47.25 22.73 -25.04
CA GLU B 9 -46.76 23.97 -25.62
C GLU B 9 -45.32 23.80 -26.11
N ALA B 10 -44.54 23.04 -25.34
CA ALA B 10 -43.16 22.76 -25.70
C ALA B 10 -43.09 21.94 -26.98
N GLU B 11 -44.05 21.03 -27.14
CA GLU B 11 -44.08 20.15 -28.30
C GLU B 11 -44.46 20.92 -29.56
N GLN B 12 -45.34 21.91 -29.41
CA GLN B 12 -45.82 22.68 -30.55
C GLN B 12 -44.72 23.53 -31.16
N LEU B 13 -43.92 24.18 -30.32
CA LEU B 13 -42.78 24.95 -30.81
C LEU B 13 -41.80 24.02 -31.53
N LYS B 14 -41.67 22.80 -31.03
CA LYS B 14 -40.81 21.82 -31.69
C LYS B 14 -41.36 21.48 -33.08
N ASN B 15 -42.68 21.51 -33.21
CA ASN B 15 -43.30 21.31 -34.52
C ASN B 15 -43.07 22.52 -35.41
N GLN B 16 -43.15 23.70 -34.81
CA GLN B 16 -42.98 24.95 -35.55
C GLN B 16 -41.54 25.15 -35.99
N ILE B 17 -40.60 24.85 -35.09
CA ILE B 17 -39.18 24.91 -35.42
C ILE B 17 -38.89 23.95 -36.56
N ARG B 18 -39.43 22.73 -36.47
CA ARG B 18 -39.28 21.74 -37.52
C ARG B 18 -39.98 22.20 -38.80
N ASP B 19 -41.11 22.89 -38.62
CA ASP B 19 -41.85 23.43 -39.76
C ASP B 19 -41.08 24.58 -40.41
N ALA B 20 -40.50 25.45 -39.58
CA ALA B 20 -39.74 26.59 -40.07
C ALA B 20 -38.51 26.14 -40.84
N ARG B 21 -37.93 25.03 -40.39
CA ARG B 21 -36.75 24.46 -41.04
C ARG B 21 -37.12 23.81 -42.37
N LYS B 22 -38.25 23.11 -42.39
CA LYS B 22 -38.75 22.48 -43.61
C LYS B 22 -39.06 23.54 -44.67
N ALA B 23 -39.52 24.70 -44.22
CA ALA B 23 -39.85 25.80 -45.10
C ALA B 23 -38.61 26.34 -45.80
N CYS B 24 -37.46 26.15 -45.17
CA CYS B 24 -36.19 26.63 -45.73
C CYS B 24 -35.50 25.56 -46.57
N ALA B 25 -36.01 24.33 -46.51
CA ALA B 25 -35.43 23.23 -47.26
C ALA B 25 -35.92 23.24 -48.70
N ASP B 26 -35.48 24.23 -49.47
CA ASP B 26 -35.90 24.38 -50.86
C ASP B 26 -34.99 23.60 -51.81
N ALA B 27 -33.83 23.22 -51.30
CA ALA B 27 -32.84 22.49 -52.10
C ALA B 27 -31.80 21.83 -51.21
N THR B 28 -30.98 20.97 -51.78
CA THR B 28 -29.95 20.29 -51.01
C THR B 28 -28.55 20.72 -51.42
N LEU B 29 -27.61 20.62 -50.49
CA LEU B 29 -26.21 20.92 -50.78
C LEU B 29 -25.69 20.03 -51.90
N SER B 30 -26.20 18.81 -51.95
CA SER B 30 -25.80 17.86 -52.99
C SER B 30 -26.21 18.35 -54.37
N GLN B 31 -27.41 18.90 -54.47
CA GLN B 31 -27.92 19.42 -55.74
C GLN B 31 -27.18 20.67 -56.16
N ILE B 32 -26.81 21.49 -55.18
CA ILE B 32 -26.13 22.75 -55.42
C ILE B 32 -24.71 22.56 -55.93
N THR B 33 -24.09 21.43 -55.59
CA THR B 33 -22.69 21.20 -55.88
C THR B 33 -22.44 20.19 -57.01
N ASN B 34 -23.50 19.83 -57.71
CA ASN B 34 -23.39 18.82 -58.77
C ASN B 34 -22.58 19.29 -59.97
N ASN B 35 -22.34 20.59 -60.06
CA ASN B 35 -21.64 21.15 -61.21
C ASN B 35 -20.13 21.19 -61.06
N ILE B 36 -19.66 21.26 -59.81
CA ILE B 36 -18.23 21.34 -59.56
C ILE B 36 -17.56 19.97 -59.66
N ASP B 37 -16.33 19.96 -60.16
CA ASP B 37 -15.58 18.72 -60.33
C ASP B 37 -15.28 18.06 -58.98
N PRO B 38 -15.25 16.73 -58.95
CA PRO B 38 -14.86 15.98 -57.76
C PRO B 38 -13.40 16.25 -57.40
N VAL B 39 -13.06 16.12 -56.12
CA VAL B 39 -11.70 16.38 -55.67
C VAL B 39 -10.75 15.27 -56.13
N GLY B 40 -11.33 14.22 -56.70
CA GLY B 40 -10.55 13.06 -57.11
C GLY B 40 -10.18 12.23 -55.90
N ARG B 41 -9.18 11.37 -56.06
CA ARG B 41 -8.71 10.54 -54.96
C ARG B 41 -7.64 11.26 -54.16
N ILE B 42 -7.93 11.52 -52.89
CA ILE B 42 -6.99 12.17 -52.01
C ILE B 42 -6.04 11.15 -51.40
N GLN B 43 -4.74 11.35 -51.62
CA GLN B 43 -3.74 10.40 -51.17
C GLN B 43 -2.58 11.13 -50.48
N MET B 44 -2.30 10.74 -49.25
CA MET B 44 -1.24 11.37 -48.47
C MET B 44 -0.24 10.35 -47.98
N ARG B 45 0.94 10.83 -47.61
CA ARG B 45 1.94 9.95 -47.04
C ARG B 45 2.42 10.47 -45.69
N THR B 46 2.89 9.55 -44.85
CA THR B 46 3.39 9.91 -43.52
C THR B 46 4.74 10.62 -43.64
N ARG B 47 4.76 11.89 -43.25
CA ARG B 47 5.99 12.67 -43.30
C ARG B 47 6.74 12.60 -41.96
N ARG B 48 5.99 12.36 -40.89
CA ARG B 48 6.57 12.31 -39.54
C ARG B 48 5.88 11.27 -38.66
N THR B 49 6.65 10.65 -37.79
CA THR B 49 6.10 9.78 -36.76
C THR B 49 6.60 10.22 -35.40
N LEU B 50 5.70 10.73 -34.56
CA LEU B 50 6.08 11.23 -33.25
C LEU B 50 6.07 10.12 -32.21
N ARG B 51 7.26 9.74 -31.75
CA ARG B 51 7.41 8.67 -30.77
C ARG B 51 7.77 9.24 -29.41
N GLY B 52 7.10 8.75 -28.37
CA GLY B 52 7.35 9.22 -27.02
C GLY B 52 6.35 8.71 -26.00
N HIS B 53 5.08 8.78 -26.34
CA HIS B 53 4.03 8.31 -25.43
C HIS B 53 4.11 6.81 -25.21
N LEU B 54 3.91 6.38 -23.97
CA LEU B 54 4.04 4.98 -23.59
C LEU B 54 2.72 4.22 -23.70
N ALA B 55 1.61 4.95 -23.80
CA ALA B 55 0.30 4.33 -23.88
C ALA B 55 -0.62 5.06 -24.87
N LYS B 56 -1.92 4.82 -24.76
CA LYS B 56 -2.90 5.41 -25.68
C LYS B 56 -2.81 6.93 -25.74
N ILE B 57 -2.99 7.47 -26.94
CA ILE B 57 -3.13 8.91 -27.11
C ILE B 57 -4.61 9.25 -27.17
N TYR B 58 -5.03 10.26 -26.41
CA TYR B 58 -6.44 10.58 -26.29
C TYR B 58 -6.81 11.88 -27.00
N ALA B 59 -5.84 12.77 -27.15
CA ALA B 59 -6.10 14.06 -27.77
C ALA B 59 -4.82 14.78 -28.19
N MET B 60 -4.97 15.70 -29.14
CA MET B 60 -3.87 16.55 -29.56
C MET B 60 -4.42 17.88 -30.07
N HIS B 61 -3.57 18.89 -30.14
CA HIS B 61 -4.00 20.20 -30.62
C HIS B 61 -2.83 21.02 -31.16
N TRP B 62 -2.96 21.46 -32.42
CA TRP B 62 -1.91 22.23 -33.07
C TRP B 62 -1.72 23.62 -32.49
N GLY B 63 -0.49 24.11 -32.53
CA GLY B 63 -0.21 25.49 -32.19
C GLY B 63 -0.57 26.37 -33.38
N THR B 64 -0.63 27.67 -33.15
CA THR B 64 -1.01 28.61 -34.21
C THR B 64 0.09 28.74 -35.26
N ASP B 65 1.30 28.33 -34.92
CA ASP B 65 2.44 28.46 -35.82
C ASP B 65 2.51 27.30 -36.80
N SER B 66 1.57 26.37 -36.68
CA SER B 66 1.49 25.20 -37.56
C SER B 66 2.75 24.35 -37.48
N ARG B 67 3.43 24.39 -36.34
CA ARG B 67 4.66 23.63 -36.16
C ARG B 67 4.67 22.88 -34.83
N LEU B 68 4.33 23.59 -33.75
CA LEU B 68 4.26 22.97 -32.43
C LEU B 68 2.88 22.40 -32.17
N LEU B 69 2.82 21.19 -31.62
CA LEU B 69 1.54 20.60 -31.23
C LEU B 69 1.67 19.87 -29.90
N VAL B 70 0.61 19.91 -29.10
CA VAL B 70 0.60 19.22 -27.82
C VAL B 70 -0.33 18.01 -27.88
N SER B 71 0.03 16.96 -27.15
CA SER B 71 -0.77 15.75 -27.09
C SER B 71 -0.85 15.19 -25.67
N ALA B 72 -2.01 14.66 -25.33
CA ALA B 72 -2.23 14.04 -24.02
C ALA B 72 -2.36 12.53 -24.17
N SER B 73 -1.79 11.78 -23.24
CA SER B 73 -1.77 10.33 -23.36
C SER B 73 -2.19 9.59 -22.09
N GLN B 74 -2.40 8.29 -22.24
CA GLN B 74 -2.77 7.42 -21.14
C GLN B 74 -1.62 7.28 -20.14
N ASP B 75 -0.42 7.64 -20.56
CA ASP B 75 0.76 7.53 -19.70
C ASP B 75 0.86 8.69 -18.71
N GLY B 76 -0.18 9.51 -18.66
CA GLY B 76 -0.23 10.62 -17.72
C GLY B 76 0.72 11.75 -18.04
N LYS B 77 1.04 11.91 -19.33
CA LYS B 77 1.94 12.97 -19.77
C LYS B 77 1.35 13.83 -20.87
N LEU B 78 1.71 15.11 -20.86
CA LEU B 78 1.51 15.99 -22.01
C LEU B 78 2.84 16.15 -22.72
N ILE B 79 2.83 15.99 -24.05
CA ILE B 79 4.06 16.19 -24.81
C ILE B 79 3.88 17.28 -25.85
N ILE B 80 4.77 18.26 -25.83
CA ILE B 80 4.76 19.32 -26.83
C ILE B 80 5.85 19.07 -27.86
N TRP B 81 5.45 18.74 -29.08
CA TRP B 81 6.39 18.34 -30.11
C TRP B 81 6.75 19.48 -31.06
N ASP B 82 7.88 19.33 -31.73
CA ASP B 82 8.22 20.13 -32.89
C ASP B 82 8.04 19.26 -34.12
N SER B 83 6.87 19.37 -34.76
CA SER B 83 6.50 18.48 -35.86
C SER B 83 7.49 18.45 -37.01
N TYR B 84 8.26 19.54 -37.18
CA TYR B 84 9.26 19.60 -38.24
C TYR B 84 10.43 18.66 -37.98
N THR B 85 10.88 18.63 -36.72
CA THR B 85 12.02 17.81 -36.35
C THR B 85 11.62 16.57 -35.55
N THR B 86 10.37 16.53 -35.12
CA THR B 86 9.83 15.45 -34.29
C THR B 86 10.43 15.46 -32.89
N ASN B 87 11.26 16.44 -32.62
CA ASN B 87 11.87 16.58 -31.29
C ASN B 87 10.84 17.02 -30.27
N LYS B 88 11.09 16.68 -29.01
CA LYS B 88 10.19 17.05 -27.93
C LYS B 88 10.63 18.35 -27.26
N VAL B 89 9.78 19.37 -27.32
CA VAL B 89 10.07 20.64 -26.67
C VAL B 89 9.81 20.57 -25.18
N HIS B 90 8.73 19.88 -24.80
CA HIS B 90 8.38 19.73 -23.39
C HIS B 90 7.73 18.38 -23.12
N ALA B 91 8.09 17.79 -21.98
CA ALA B 91 7.43 16.59 -21.48
C ALA B 91 6.90 16.88 -20.08
N ILE B 92 5.57 16.94 -19.97
CA ILE B 92 4.94 17.40 -18.74
C ILE B 92 4.17 16.30 -18.01
N PRO B 93 4.79 15.69 -16.99
CA PRO B 93 4.10 14.74 -16.11
C PRO B 93 2.93 15.42 -15.39
N LEU B 94 1.78 14.78 -15.39
CA LEU B 94 0.58 15.39 -14.81
C LEU B 94 0.27 14.83 -13.43
N ARG B 95 -0.46 15.61 -12.63
CA ARG B 95 -0.81 15.20 -11.28
C ARG B 95 -1.83 14.07 -11.30
N SER B 96 -2.61 14.01 -12.38
CA SER B 96 -3.60 12.96 -12.55
C SER B 96 -3.34 12.16 -13.80
N SER B 97 -3.47 10.83 -13.70
CA SER B 97 -3.19 9.94 -14.81
C SER B 97 -4.34 9.86 -15.81
N TRP B 98 -5.51 10.33 -15.38
CA TRP B 98 -6.72 10.16 -16.17
C TRP B 98 -7.03 11.35 -17.08
N VAL B 99 -6.03 11.80 -17.82
CA VAL B 99 -6.23 12.91 -18.76
C VAL B 99 -6.94 12.44 -20.03
N MET B 100 -7.86 13.27 -20.51
CA MET B 100 -8.65 12.93 -21.70
C MET B 100 -8.54 14.00 -22.78
N THR B 101 -8.21 15.22 -22.39
CA THR B 101 -8.15 16.31 -23.36
C THR B 101 -6.96 17.25 -23.10
N CYS B 102 -6.59 17.99 -24.15
CA CYS B 102 -5.53 18.99 -24.03
C CYS B 102 -5.76 20.12 -25.03
N ALA B 103 -5.20 21.29 -24.73
CA ALA B 103 -5.38 22.45 -25.59
C ALA B 103 -4.12 23.30 -25.66
N TYR B 104 -3.96 24.00 -26.78
CA TYR B 104 -2.81 24.88 -26.99
C TYR B 104 -3.27 26.32 -27.16
N ALA B 105 -2.79 27.20 -26.28
CA ALA B 105 -3.18 28.60 -26.33
C ALA B 105 -2.67 29.25 -27.62
N PRO B 106 -3.53 30.06 -28.26
CA PRO B 106 -3.20 30.74 -29.53
C PRO B 106 -1.91 31.55 -29.43
N SER B 107 -1.58 32.00 -28.22
CA SER B 107 -0.34 32.74 -27.99
C SER B 107 0.85 31.80 -27.89
N GLY B 108 0.58 30.56 -27.52
CA GLY B 108 1.61 29.55 -27.36
C GLY B 108 2.25 29.60 -25.98
N ASN B 109 1.74 30.48 -25.13
CA ASN B 109 2.29 30.65 -23.79
C ASN B 109 1.80 29.59 -22.81
N TYR B 110 0.62 29.04 -23.09
CA TYR B 110 0.01 28.08 -22.18
C TYR B 110 -0.59 26.86 -22.90
N VAL B 111 -0.60 25.74 -22.20
CA VAL B 111 -1.35 24.57 -22.65
C VAL B 111 -2.24 24.10 -21.51
N ALA B 112 -3.42 23.57 -21.85
CA ALA B 112 -4.36 23.11 -20.84
C ALA B 112 -4.69 21.64 -21.04
N CYS B 113 -5.22 21.02 -19.99
CA CYS B 113 -5.60 19.61 -20.05
C CYS B 113 -6.45 19.23 -18.84
N GLY B 114 -7.09 18.06 -18.92
CA GLY B 114 -7.93 17.57 -17.85
C GLY B 114 -8.49 16.20 -18.17
N GLY B 115 -9.24 15.65 -17.24
CA GLY B 115 -9.82 14.33 -17.43
C GLY B 115 -10.75 13.92 -16.31
N LEU B 116 -10.52 12.74 -15.76
CA LEU B 116 -11.38 12.21 -14.71
C LEU B 116 -11.20 12.95 -13.38
N ASP B 117 -10.18 13.80 -13.32
CA ASP B 117 -9.93 14.60 -12.12
C ASP B 117 -10.94 15.75 -12.00
N ASN B 118 -11.71 15.96 -13.07
CA ASN B 118 -12.78 16.96 -13.07
C ASN B 118 -12.27 18.39 -13.02
N ILE B 119 -11.00 18.59 -13.34
CA ILE B 119 -10.42 19.93 -13.31
C ILE B 119 -9.62 20.21 -14.59
N CYS B 120 -9.57 21.48 -14.98
CA CYS B 120 -8.81 21.90 -16.15
C CYS B 120 -7.54 22.61 -15.70
N SER B 121 -6.39 21.98 -15.97
CA SER B 121 -5.11 22.51 -15.52
C SER B 121 -4.43 23.37 -16.58
N ILE B 122 -4.06 24.58 -16.20
CA ILE B 122 -3.33 25.48 -17.09
C ILE B 122 -1.84 25.40 -16.83
N TYR B 123 -1.05 25.23 -17.88
CA TYR B 123 0.40 25.13 -17.75
C TYR B 123 1.11 26.28 -18.46
N ASN B 124 1.96 26.99 -17.71
CA ASN B 124 2.75 28.08 -18.26
C ASN B 124 4.02 27.54 -18.91
N LEU B 125 4.15 27.73 -20.22
CA LEU B 125 5.25 27.15 -20.98
C LEU B 125 6.50 28.02 -20.99
N LYS B 126 6.31 29.33 -21.11
CA LYS B 126 7.44 30.24 -21.20
C LYS B 126 7.90 30.71 -19.82
N THR B 127 7.36 30.04 -18.80
CA THR B 127 7.92 29.98 -17.45
C THR B 127 8.16 31.28 -16.69
N ARG B 128 8.57 31.10 -15.43
CA ARG B 128 9.00 32.18 -14.56
C ARG B 128 10.48 32.44 -14.77
N GLU B 129 11.27 31.36 -14.78
CA GLU B 129 12.70 31.44 -14.93
C GLU B 129 13.23 30.44 -15.94
N GLY B 130 12.69 29.21 -15.92
CA GLY B 130 13.15 28.19 -16.84
C GLY B 130 12.23 26.98 -17.02
N ASN B 131 11.71 26.46 -15.92
CA ASN B 131 10.93 25.22 -15.96
C ASN B 131 9.52 25.39 -16.51
N VAL B 132 8.69 24.36 -16.31
CA VAL B 132 7.28 24.40 -16.70
C VAL B 132 6.44 23.79 -15.59
N ARG B 133 5.54 24.58 -15.02
CA ARG B 133 4.76 24.15 -13.87
C ARG B 133 3.30 24.58 -13.96
N VAL B 134 2.46 23.97 -13.14
CA VAL B 134 1.04 24.32 -13.08
C VAL B 134 0.86 25.75 -12.59
N SER B 135 0.17 26.56 -13.38
CA SER B 135 -0.05 27.96 -13.03
C SER B 135 -1.47 28.19 -12.53
N ARG B 136 -2.37 27.25 -12.80
CA ARG B 136 -3.75 27.38 -12.38
C ARG B 136 -4.51 26.07 -12.53
N GLU B 137 -5.30 25.73 -11.51
CA GLU B 137 -6.14 24.55 -11.55
C GLU B 137 -7.61 24.93 -11.48
N LEU B 138 -8.28 24.92 -12.62
CA LEU B 138 -9.67 25.34 -12.71
C LEU B 138 -10.61 24.26 -12.17
N ALA B 139 -11.13 24.48 -10.97
CA ALA B 139 -12.06 23.54 -10.36
C ALA B 139 -13.47 24.11 -10.35
N GLY B 140 -14.46 23.25 -10.55
CA GLY B 140 -15.84 23.68 -10.62
C GLY B 140 -16.76 22.61 -11.20
N HIS B 141 -16.35 21.98 -12.29
CA HIS B 141 -17.15 20.93 -12.91
C HIS B 141 -17.36 19.77 -11.94
N THR B 142 -18.56 19.21 -11.95
CA THR B 142 -18.87 18.05 -11.11
C THR B 142 -18.69 16.76 -11.90
N GLY B 143 -18.23 16.90 -13.14
CA GLY B 143 -17.96 15.76 -14.00
C GLY B 143 -16.59 15.88 -14.64
N TYR B 144 -16.20 14.87 -15.41
CA TYR B 144 -14.89 14.86 -16.03
C TYR B 144 -14.79 15.91 -17.13
N LEU B 145 -13.58 16.41 -17.36
CA LEU B 145 -13.34 17.38 -18.41
C LEU B 145 -13.14 16.66 -19.75
N SER B 146 -14.03 16.91 -20.69
CA SER B 146 -14.01 16.19 -21.97
C SER B 146 -13.27 16.97 -23.06
N CYS B 147 -13.30 18.29 -22.96
CA CYS B 147 -12.63 19.14 -23.94
C CYS B 147 -12.45 20.57 -23.42
N CYS B 148 -11.53 21.30 -24.03
CA CYS B 148 -11.28 22.69 -23.64
C CYS B 148 -10.51 23.44 -24.72
N ARG B 149 -10.82 24.73 -24.86
CA ARG B 149 -10.17 25.55 -25.87
C ARG B 149 -9.94 26.97 -25.36
N PHE B 150 -8.72 27.47 -25.57
CA PHE B 150 -8.36 28.82 -25.16
C PHE B 150 -8.99 29.88 -26.08
N LEU B 151 -9.71 30.82 -25.49
CA LEU B 151 -10.13 32.02 -26.19
C LEU B 151 -8.94 32.96 -26.29
N ASP B 152 -8.21 33.07 -25.18
CA ASP B 152 -6.95 33.79 -25.13
C ASP B 152 -6.13 33.30 -23.94
N ASP B 153 -5.29 34.17 -23.38
CA ASP B 153 -4.42 33.77 -22.28
C ASP B 153 -5.12 33.84 -20.93
N ASN B 154 -6.31 34.43 -20.89
CA ASN B 154 -7.03 34.54 -19.63
C ASN B 154 -8.49 34.13 -19.74
N GLN B 155 -8.81 33.42 -20.82
CA GLN B 155 -10.16 32.90 -21.01
C GLN B 155 -10.13 31.55 -21.72
N ILE B 156 -10.81 30.57 -21.13
CA ILE B 156 -10.86 29.23 -21.72
C ILE B 156 -12.25 28.63 -21.53
N VAL B 157 -12.73 27.95 -22.57
CA VAL B 157 -14.02 27.26 -22.52
C VAL B 157 -13.82 25.77 -22.31
N THR B 158 -14.67 25.16 -21.50
CA THR B 158 -14.54 23.74 -21.18
C THR B 158 -15.86 23.00 -21.29
N SER B 159 -15.79 21.73 -21.67
CA SER B 159 -16.95 20.86 -21.68
C SER B 159 -16.73 19.72 -20.71
N SER B 160 -17.80 19.26 -20.07
CA SER B 160 -17.68 18.24 -19.05
C SER B 160 -18.77 17.17 -19.11
N GLY B 161 -18.53 16.05 -18.44
CA GLY B 161 -19.52 14.98 -18.37
C GLY B 161 -20.61 15.32 -17.38
N ASP B 162 -20.48 16.49 -16.74
CA ASP B 162 -21.51 16.98 -15.83
C ASP B 162 -22.66 17.63 -16.60
N THR B 163 -22.70 17.39 -17.91
CA THR B 163 -23.76 17.89 -18.79
C THR B 163 -23.53 19.32 -19.26
N THR B 164 -22.69 20.07 -18.55
CA THR B 164 -22.54 21.50 -18.81
C THR B 164 -21.23 21.89 -19.50
N CYS B 165 -21.19 23.11 -20.01
CA CYS B 165 -19.95 23.75 -20.46
C CYS B 165 -19.73 24.99 -19.61
N ALA B 166 -18.57 25.62 -19.74
CA ALA B 166 -18.27 26.79 -18.90
C ALA B 166 -17.16 27.67 -19.46
N LEU B 167 -17.30 28.97 -19.24
CA LEU B 167 -16.26 29.94 -19.59
C LEU B 167 -15.51 30.35 -18.32
N TRP B 168 -14.19 30.29 -18.37
CA TRP B 168 -13.39 30.52 -17.18
C TRP B 168 -12.56 31.79 -17.25
N ASP B 169 -12.43 32.48 -16.13
CA ASP B 169 -11.46 33.56 -15.98
C ASP B 169 -10.23 32.97 -15.31
N ILE B 170 -9.19 32.72 -16.09
CA ILE B 170 -8.02 31.99 -15.62
C ILE B 170 -7.34 32.65 -14.42
N GLU B 171 -7.25 33.98 -14.44
CA GLU B 171 -6.60 34.71 -13.36
C GLU B 171 -7.34 34.51 -12.03
N THR B 172 -8.63 34.81 -12.04
CA THR B 172 -9.46 34.64 -10.83
C THR B 172 -9.65 33.15 -10.54
N GLY B 173 -9.72 32.35 -11.59
CA GLY B 173 -9.85 30.91 -11.45
C GLY B 173 -11.27 30.44 -11.22
N GLN B 174 -12.24 31.32 -11.47
CA GLN B 174 -13.65 30.97 -11.34
C GLN B 174 -14.37 30.96 -12.69
N GLN B 175 -15.58 30.42 -12.69
CA GLN B 175 -16.37 30.32 -13.91
C GLN B 175 -17.14 31.61 -14.18
N THR B 176 -16.77 32.30 -15.26
CA THR B 176 -17.48 33.52 -15.67
C THR B 176 -18.91 33.21 -16.10
N THR B 177 -19.06 32.18 -16.93
CA THR B 177 -20.37 31.79 -17.43
C THR B 177 -20.54 30.28 -17.48
N THR B 178 -21.75 29.83 -17.15
CA THR B 178 -22.08 28.42 -17.25
C THR B 178 -23.09 28.20 -18.37
N PHE B 179 -22.86 27.17 -19.18
CA PHE B 179 -23.72 26.88 -20.31
C PHE B 179 -24.50 25.58 -20.09
N THR B 180 -25.68 25.69 -19.52
CA THR B 180 -26.52 24.53 -19.25
C THR B 180 -27.55 24.33 -20.36
N GLY B 181 -27.88 23.09 -20.66
CA GLY B 181 -28.83 22.77 -21.71
C GLY B 181 -28.84 21.31 -22.11
N HIS B 182 -27.64 20.75 -22.30
CA HIS B 182 -27.52 19.35 -22.68
C HIS B 182 -28.12 18.43 -21.62
N THR B 183 -28.44 17.21 -22.02
CA THR B 183 -29.01 16.22 -21.11
C THR B 183 -28.09 15.00 -20.99
N GLY B 184 -26.95 15.07 -21.67
CA GLY B 184 -25.98 14.00 -21.65
C GLY B 184 -24.57 14.54 -21.53
N ASP B 185 -23.59 13.64 -21.41
CA ASP B 185 -22.19 14.05 -21.28
C ASP B 185 -21.72 14.83 -22.49
N VAL B 186 -21.22 16.05 -22.27
CA VAL B 186 -20.66 16.84 -23.35
C VAL B 186 -19.29 16.28 -23.72
N MET B 187 -19.14 15.88 -24.98
CA MET B 187 -17.94 15.17 -25.42
C MET B 187 -16.90 16.08 -26.06
N SER B 188 -17.37 17.09 -26.80
CA SER B 188 -16.46 17.97 -27.52
C SER B 188 -17.04 19.36 -27.70
N LEU B 189 -16.17 20.31 -28.05
CA LEU B 189 -16.58 21.67 -28.33
C LEU B 189 -15.64 22.32 -29.35
N SER B 190 -16.14 23.31 -30.09
CA SER B 190 -15.35 24.01 -31.09
C SER B 190 -15.65 25.49 -31.09
N LEU B 191 -14.61 26.31 -31.09
CA LEU B 191 -14.75 27.77 -31.09
C LEU B 191 -14.92 28.31 -32.50
N ALA B 192 -15.88 29.21 -32.68
CA ALA B 192 -16.05 29.91 -33.95
C ALA B 192 -14.86 30.83 -34.20
N PRO B 193 -14.60 31.15 -35.47
CA PRO B 193 -13.48 32.01 -35.87
C PRO B 193 -13.47 33.34 -35.11
N ASP B 194 -14.65 33.92 -34.89
CA ASP B 194 -14.76 35.19 -34.18
C ASP B 194 -14.64 35.01 -32.67
N THR B 195 -14.74 33.76 -32.22
CA THR B 195 -14.66 33.42 -30.80
C THR B 195 -15.78 34.09 -29.98
N ARG B 196 -16.84 34.51 -30.67
CA ARG B 196 -18.01 35.05 -30.00
C ARG B 196 -19.08 33.97 -29.85
N LEU B 197 -18.86 32.86 -30.55
CA LEU B 197 -19.75 31.70 -30.50
C LEU B 197 -18.95 30.43 -30.34
N PHE B 198 -19.62 29.34 -29.97
CA PHE B 198 -18.98 28.03 -29.95
C PHE B 198 -20.03 26.93 -29.90
N VAL B 199 -19.73 25.81 -30.55
CA VAL B 199 -20.67 24.70 -30.63
C VAL B 199 -20.19 23.54 -29.75
N SER B 200 -21.14 22.71 -29.32
CA SER B 200 -20.82 21.57 -28.46
C SER B 200 -21.56 20.31 -28.92
N GLY B 201 -20.94 19.15 -28.67
CA GLY B 201 -21.54 17.88 -29.00
C GLY B 201 -21.57 16.97 -27.80
N ALA B 202 -22.74 16.45 -27.46
CA ALA B 202 -22.89 15.66 -26.26
C ALA B 202 -23.42 14.26 -26.56
N CYS B 203 -23.59 13.46 -25.52
CA CYS B 203 -24.04 12.09 -25.66
C CYS B 203 -25.55 12.01 -25.84
N ASP B 204 -26.22 13.16 -25.79
CA ASP B 204 -27.65 13.21 -26.02
C ASP B 204 -27.96 13.25 -27.51
N ALA B 205 -26.91 13.08 -28.32
CA ALA B 205 -27.04 13.03 -29.77
C ALA B 205 -27.47 14.37 -30.36
N SER B 206 -27.03 15.46 -29.74
CA SER B 206 -27.40 16.80 -30.20
C SER B 206 -26.24 17.77 -30.05
N ALA B 207 -26.16 18.71 -30.98
CA ALA B 207 -25.16 19.77 -30.92
C ALA B 207 -25.84 21.11 -30.63
N LYS B 208 -25.16 21.97 -29.89
CA LYS B 208 -25.74 23.25 -29.49
C LYS B 208 -24.82 24.43 -29.80
N LEU B 209 -25.42 25.52 -30.27
CA LEU B 209 -24.69 26.75 -30.55
C LEU B 209 -24.84 27.72 -29.38
N TRP B 210 -23.72 28.13 -28.80
CA TRP B 210 -23.75 28.97 -27.61
C TRP B 210 -23.24 30.38 -27.87
N ASP B 211 -23.82 31.35 -27.17
CA ASP B 211 -23.32 32.71 -27.18
C ASP B 211 -22.36 32.89 -26.00
N VAL B 212 -21.11 33.17 -26.30
CA VAL B 212 -20.07 33.26 -25.28
C VAL B 212 -20.34 34.36 -24.26
N ARG B 213 -20.81 35.51 -24.74
CA ARG B 213 -21.03 36.67 -23.87
C ARG B 213 -22.32 36.53 -23.06
N GLU B 214 -23.44 36.40 -23.77
CA GLU B 214 -24.75 36.32 -23.12
C GLU B 214 -24.94 34.99 -22.40
N GLY B 215 -24.12 34.00 -22.75
CA GLY B 215 -24.14 32.70 -22.09
C GLY B 215 -25.44 31.94 -22.28
N MET B 216 -26.00 32.04 -23.49
CA MET B 216 -27.27 31.40 -23.79
C MET B 216 -27.13 30.40 -24.94
N CYS B 217 -28.07 29.47 -25.02
CA CYS B 217 -28.14 28.56 -26.16
C CYS B 217 -29.02 29.19 -27.23
N ARG B 218 -28.47 29.33 -28.44
CA ARG B 218 -29.16 30.02 -29.52
C ARG B 218 -29.85 29.04 -30.46
N GLN B 219 -29.20 27.92 -30.75
CA GLN B 219 -29.76 26.93 -31.66
C GLN B 219 -29.38 25.52 -31.25
N THR B 220 -30.28 24.57 -31.52
CA THR B 220 -30.03 23.17 -31.19
C THR B 220 -30.17 22.30 -32.43
N PHE B 221 -29.17 21.45 -32.67
CA PHE B 221 -29.13 20.62 -33.86
C PHE B 221 -29.19 19.14 -33.52
N THR B 222 -30.13 18.43 -34.14
CA THR B 222 -30.25 16.99 -33.95
C THR B 222 -30.11 16.27 -35.29
N GLY B 223 -30.26 14.95 -35.27
CA GLY B 223 -30.15 14.16 -36.48
C GLY B 223 -29.37 12.88 -36.24
N HIS B 224 -28.32 12.99 -35.42
CA HIS B 224 -27.52 11.82 -35.06
C HIS B 224 -28.33 10.84 -34.23
N GLU B 225 -28.03 9.56 -34.38
CA GLU B 225 -28.76 8.52 -33.68
C GLU B 225 -27.98 7.99 -32.48
N SER B 226 -26.83 8.61 -32.21
CA SER B 226 -26.00 8.19 -31.09
C SER B 226 -25.10 9.33 -30.60
N ASP B 227 -24.16 9.00 -29.74
CA ASP B 227 -23.26 9.98 -29.14
C ASP B 227 -22.46 10.76 -30.17
N ILE B 228 -22.35 12.07 -29.95
CA ILE B 228 -21.50 12.91 -30.76
C ILE B 228 -20.14 13.07 -30.08
N ASN B 229 -19.13 12.41 -30.64
CA ASN B 229 -17.81 12.37 -30.02
C ASN B 229 -16.92 13.54 -30.40
N ALA B 230 -17.17 14.12 -31.57
CA ALA B 230 -16.34 15.19 -32.08
C ALA B 230 -17.16 16.25 -32.82
N ILE B 231 -16.65 17.47 -32.83
CA ILE B 231 -17.30 18.57 -33.53
C ILE B 231 -16.26 19.61 -33.94
N CYS B 232 -16.52 20.29 -35.06
N CYS B 232 -16.51 20.29 -35.06
CA CYS B 232 -15.60 21.29 -35.57
CA CYS B 232 -15.60 21.31 -35.54
C CYS B 232 -16.31 22.31 -36.45
C CYS B 232 -16.31 22.31 -36.45
N PHE B 233 -15.84 23.56 -36.42
CA PHE B 233 -16.43 24.62 -37.22
C PHE B 233 -15.92 24.62 -38.65
N PHE B 234 -16.79 24.98 -39.58
CA PHE B 234 -16.38 25.25 -40.95
C PHE B 234 -15.65 26.59 -41.00
N PRO B 235 -14.55 26.65 -41.77
CA PRO B 235 -13.63 27.79 -41.86
C PRO B 235 -14.27 29.17 -41.77
N ASN B 236 -15.41 29.40 -42.42
CA ASN B 236 -16.02 30.73 -42.39
C ASN B 236 -16.88 30.94 -41.14
N GLY B 237 -17.19 29.85 -40.44
CA GLY B 237 -17.92 29.93 -39.19
C GLY B 237 -19.43 29.87 -39.31
N ASN B 238 -19.92 29.74 -40.55
CA ASN B 238 -21.37 29.69 -40.78
C ASN B 238 -21.91 28.27 -40.76
N ALA B 239 -21.06 27.31 -40.42
CA ALA B 239 -21.45 25.91 -40.38
C ALA B 239 -20.45 25.09 -39.59
N PHE B 240 -20.85 23.89 -39.18
CA PHE B 240 -19.95 23.00 -38.45
C PHE B 240 -20.26 21.54 -38.74
N ALA B 241 -19.28 20.67 -38.51
CA ALA B 241 -19.44 19.24 -38.74
C ALA B 241 -19.42 18.47 -37.41
N THR B 242 -19.97 17.27 -37.42
CA THR B 242 -20.04 16.45 -36.22
C THR B 242 -19.72 14.98 -36.51
N GLY B 243 -19.11 14.32 -35.54
CA GLY B 243 -18.82 12.90 -35.64
C GLY B 243 -19.54 12.12 -34.54
N SER B 244 -20.17 11.02 -34.92
CA SER B 244 -20.99 10.26 -33.98
C SER B 244 -20.64 8.78 -33.93
N ASP B 245 -21.20 8.09 -32.94
CA ASP B 245 -21.03 6.64 -32.81
C ASP B 245 -21.88 5.90 -33.84
N ASP B 246 -22.74 6.63 -34.56
CA ASP B 246 -23.58 6.02 -35.59
C ASP B 246 -22.82 5.86 -36.90
N ALA B 247 -21.50 6.01 -36.84
CA ALA B 247 -20.64 5.82 -38.01
C ALA B 247 -20.90 6.87 -39.08
N THR B 248 -21.40 8.04 -38.67
CA THR B 248 -21.74 9.09 -39.63
C THR B 248 -21.22 10.46 -39.20
N CYS B 249 -20.74 11.23 -40.18
CA CYS B 249 -20.46 12.64 -39.97
C CYS B 249 -21.60 13.45 -40.58
N ARG B 250 -21.81 14.66 -40.07
CA ARG B 250 -22.90 15.48 -40.57
C ARG B 250 -22.53 16.96 -40.59
N LEU B 251 -23.05 17.67 -41.59
CA LEU B 251 -22.77 19.09 -41.74
C LEU B 251 -24.01 19.90 -41.40
N PHE B 252 -23.85 20.87 -40.51
CA PHE B 252 -24.95 21.72 -40.10
C PHE B 252 -24.68 23.17 -40.45
N ASP B 253 -25.67 23.84 -41.06
CA ASP B 253 -25.57 25.26 -41.37
C ASP B 253 -26.35 26.07 -40.34
N LEU B 254 -25.75 27.14 -39.84
CA LEU B 254 -26.36 27.94 -38.79
C LEU B 254 -27.51 28.80 -39.29
N ARG B 255 -27.29 29.50 -40.40
CA ARG B 255 -28.29 30.43 -40.92
C ARG B 255 -29.52 29.70 -41.47
N ALA B 256 -29.34 28.44 -41.85
CA ALA B 256 -30.44 27.62 -42.30
C ALA B 256 -31.05 26.87 -41.13
N ASP B 257 -30.29 26.76 -40.04
CA ASP B 257 -30.75 26.12 -38.82
C ASP B 257 -31.14 24.66 -39.05
N GLN B 258 -30.27 23.91 -39.71
CA GLN B 258 -30.55 22.51 -40.00
C GLN B 258 -29.36 21.80 -40.63
N GLU B 259 -29.52 20.51 -40.87
CA GLU B 259 -28.48 19.68 -41.47
C GLU B 259 -28.44 19.84 -42.99
N LEU B 260 -27.24 19.85 -43.55
CA LEU B 260 -27.08 20.01 -44.99
C LEU B 260 -26.70 18.71 -45.67
N MET B 261 -25.94 17.86 -44.98
CA MET B 261 -25.40 16.66 -45.60
C MET B 261 -24.96 15.61 -44.58
N THR B 262 -24.87 14.36 -45.03
CA THR B 262 -24.43 13.25 -44.19
C THR B 262 -23.31 12.48 -44.87
N TYR B 263 -22.23 12.22 -44.14
CA TYR B 263 -21.07 11.54 -44.70
C TYR B 263 -20.96 10.12 -44.13
N SER B 264 -21.21 9.13 -44.98
CA SER B 264 -21.16 7.74 -44.53
C SER B 264 -21.03 6.75 -45.68
N HIS B 265 -20.69 5.51 -45.34
CA HIS B 265 -20.61 4.43 -46.31
C HIS B 265 -21.01 3.13 -45.64
N ASP B 266 -21.59 2.22 -46.40
CA ASP B 266 -22.08 0.96 -45.85
C ASP B 266 -20.94 0.08 -45.35
N ASN B 267 -19.73 0.36 -45.82
CA ASN B 267 -18.54 -0.37 -45.36
C ASN B 267 -18.06 0.14 -44.00
N ILE B 268 -18.31 1.41 -43.73
CA ILE B 268 -17.91 2.02 -42.47
C ILE B 268 -18.97 1.80 -41.38
N ILE B 269 -18.62 1.05 -40.35
CA ILE B 269 -19.57 0.73 -39.29
C ILE B 269 -19.08 1.20 -37.92
N CYS B 270 -17.78 1.45 -37.79
N CYS B 270 -17.78 1.46 -37.81
CA CYS B 270 -17.20 1.92 -36.55
CA CYS B 270 -17.19 1.92 -36.55
C CYS B 270 -17.62 3.36 -36.28
C CYS B 270 -17.47 3.40 -36.32
N GLY B 271 -17.36 3.83 -35.07
CA GLY B 271 -17.69 5.20 -34.69
C GLY B 271 -16.62 6.22 -35.03
N ILE B 272 -17.04 7.47 -35.21
CA ILE B 272 -16.11 8.56 -35.45
C ILE B 272 -15.64 9.15 -34.12
N THR B 273 -14.35 9.46 -34.02
CA THR B 273 -13.78 9.95 -32.78
C THR B 273 -13.32 11.40 -32.89
N SER B 274 -13.15 11.88 -34.11
CA SER B 274 -12.65 13.24 -34.33
C SER B 274 -12.94 13.73 -35.75
N VAL B 275 -13.13 15.05 -35.87
CA VAL B 275 -13.41 15.66 -37.16
C VAL B 275 -12.66 16.98 -37.31
N SER B 276 -12.37 17.34 -38.56
CA SER B 276 -11.65 18.58 -38.85
C SER B 276 -11.68 18.87 -40.34
N PHE B 277 -11.76 20.16 -40.68
CA PHE B 277 -11.79 20.59 -42.07
C PHE B 277 -10.41 20.96 -42.58
N SER B 278 -10.23 20.88 -43.90
CA SER B 278 -9.03 21.42 -44.52
C SER B 278 -9.13 22.94 -44.51
N LYS B 279 -8.06 23.63 -44.89
CA LYS B 279 -8.01 25.08 -44.82
C LYS B 279 -9.15 25.73 -45.63
N SER B 280 -9.45 25.16 -46.78
CA SER B 280 -10.49 25.73 -47.65
C SER B 280 -11.87 25.21 -47.26
N GLY B 281 -11.90 24.19 -46.40
CA GLY B 281 -13.14 23.62 -45.96
C GLY B 281 -13.73 22.63 -46.95
N ARG B 282 -13.01 22.40 -48.05
CA ARG B 282 -13.45 21.47 -49.08
C ARG B 282 -13.36 20.02 -48.61
N LEU B 283 -12.39 19.76 -47.74
CA LEU B 283 -12.18 18.40 -47.23
C LEU B 283 -12.61 18.27 -45.77
N LEU B 284 -13.30 17.18 -45.46
CA LEU B 284 -13.68 16.87 -44.09
C LEU B 284 -12.98 15.60 -43.63
N LEU B 285 -11.93 15.75 -42.82
CA LEU B 285 -11.19 14.60 -42.32
C LEU B 285 -11.73 14.15 -40.98
N ALA B 286 -11.92 12.83 -40.85
CA ALA B 286 -12.49 12.26 -39.64
C ALA B 286 -11.73 11.01 -39.21
N GLY B 287 -11.52 10.88 -37.91
CA GLY B 287 -10.87 9.71 -37.35
C GLY B 287 -11.90 8.65 -36.98
N TYR B 288 -11.54 7.39 -37.16
CA TYR B 288 -12.47 6.30 -36.94
C TYR B 288 -11.91 5.24 -36.01
N ASP B 289 -12.79 4.42 -35.47
CA ASP B 289 -12.41 3.38 -34.53
C ASP B 289 -11.84 2.16 -35.26
N ASP B 290 -11.88 2.20 -36.59
CA ASP B 290 -11.32 1.10 -37.40
C ASP B 290 -9.87 1.36 -37.79
N PHE B 291 -9.21 2.22 -37.01
CA PHE B 291 -7.79 2.51 -37.18
C PHE B 291 -7.54 3.46 -38.35
N ASN B 292 -8.61 3.89 -39.00
CA ASN B 292 -8.49 4.70 -40.21
C ASN B 292 -8.89 6.16 -40.04
N CYS B 293 -8.45 6.97 -40.99
CA CYS B 293 -8.91 8.35 -41.10
C CYS B 293 -9.43 8.60 -42.51
N ASN B 294 -10.75 8.63 -42.65
CA ASN B 294 -11.37 8.84 -43.96
C ASN B 294 -11.45 10.31 -44.32
N VAL B 295 -11.10 10.62 -45.57
CA VAL B 295 -11.19 11.99 -46.08
C VAL B 295 -12.42 12.14 -46.94
N TRP B 296 -13.33 13.01 -46.52
CA TRP B 296 -14.60 13.21 -47.23
C TRP B 296 -14.62 14.48 -48.07
N ASP B 297 -15.34 14.43 -49.19
CA ASP B 297 -15.64 15.63 -49.96
C ASP B 297 -16.76 16.38 -49.24
N ALA B 298 -16.43 17.52 -48.65
CA ALA B 298 -17.39 18.26 -47.84
C ALA B 298 -18.59 18.74 -48.65
N LEU B 299 -18.38 19.01 -49.94
CA LEU B 299 -19.44 19.52 -50.79
C LEU B 299 -20.24 18.41 -51.49
N LYS B 300 -19.57 17.33 -51.87
CA LYS B 300 -20.19 16.29 -52.67
C LYS B 300 -20.44 14.99 -51.89
N ALA B 301 -19.91 14.93 -50.66
CA ALA B 301 -20.17 13.83 -49.74
C ALA B 301 -19.54 12.51 -50.17
N ASP B 302 -18.55 12.57 -51.05
CA ASP B 302 -17.83 11.37 -51.47
C ASP B 302 -16.61 11.15 -50.59
N ARG B 303 -16.20 9.90 -50.44
CA ARG B 303 -14.97 9.60 -49.73
C ARG B 303 -13.78 9.71 -50.68
N ALA B 304 -12.98 10.75 -50.49
CA ALA B 304 -11.88 11.05 -51.41
C ALA B 304 -10.67 10.17 -51.16
N GLY B 305 -10.37 9.90 -49.88
CA GLY B 305 -9.20 9.12 -49.54
C GLY B 305 -9.26 8.51 -48.16
N VAL B 306 -8.24 7.72 -47.83
CA VAL B 306 -8.17 7.06 -46.53
C VAL B 306 -6.75 7.06 -45.99
N LEU B 307 -6.58 7.61 -44.79
CA LEU B 307 -5.28 7.60 -44.11
C LEU B 307 -5.18 6.37 -43.21
N ALA B 308 -4.45 5.36 -43.67
CA ALA B 308 -4.31 4.12 -42.91
C ALA B 308 -2.87 3.88 -42.49
N GLY B 309 -2.55 4.26 -41.25
CA GLY B 309 -1.18 4.14 -40.76
C GLY B 309 -1.10 3.87 -39.27
N HIS B 310 -2.19 3.41 -38.68
CA HIS B 310 -2.22 3.10 -37.26
C HIS B 310 -2.72 1.67 -37.02
N ASP B 311 -2.24 1.06 -35.94
CA ASP B 311 -2.65 -0.30 -35.59
C ASP B 311 -3.69 -0.29 -34.47
N ASN B 312 -4.29 0.86 -34.23
CA ASN B 312 -5.38 0.97 -33.27
C ASN B 312 -6.19 2.24 -33.53
N ARG B 313 -7.19 2.49 -32.67
CA ARG B 313 -8.13 3.59 -32.86
C ARG B 313 -7.47 4.94 -33.12
N VAL B 314 -7.94 5.63 -34.16
CA VAL B 314 -7.57 7.01 -34.38
C VAL B 314 -8.41 7.88 -33.46
N SER B 315 -7.83 8.27 -32.34
CA SER B 315 -8.58 8.94 -31.27
C SER B 315 -8.70 10.44 -31.47
N CYS B 316 -7.93 10.99 -32.40
CA CYS B 316 -7.94 12.43 -32.62
C CYS B 316 -7.13 12.84 -33.84
N LEU B 317 -7.40 14.05 -34.33
CA LEU B 317 -6.67 14.59 -35.46
C LEU B 317 -6.86 16.10 -35.54
N GLY B 318 -6.03 16.75 -36.35
CA GLY B 318 -6.10 18.19 -36.50
C GLY B 318 -5.31 18.71 -37.69
N VAL B 319 -5.89 19.67 -38.39
CA VAL B 319 -5.23 20.31 -39.53
C VAL B 319 -4.59 21.62 -39.09
N THR B 320 -3.38 21.88 -39.56
CA THR B 320 -2.67 23.10 -39.22
C THR B 320 -3.37 24.34 -39.78
N ASP B 321 -3.05 25.50 -39.22
CA ASP B 321 -3.69 26.74 -39.66
C ASP B 321 -3.27 27.11 -41.09
N ASP B 322 -2.04 26.79 -41.45
CA ASP B 322 -1.57 27.04 -42.82
C ASP B 322 -2.06 25.96 -43.77
N GLY B 323 -2.69 24.93 -43.21
CA GLY B 323 -3.27 23.85 -43.99
C GLY B 323 -2.24 22.95 -44.63
N MET B 324 -1.02 22.96 -44.10
CA MET B 324 0.08 22.22 -44.71
C MET B 324 0.07 20.72 -44.37
N ALA B 325 -0.54 20.35 -43.25
CA ALA B 325 -0.50 18.96 -42.83
C ALA B 325 -1.65 18.57 -41.89
N VAL B 326 -1.87 17.27 -41.77
CA VAL B 326 -2.84 16.71 -40.84
C VAL B 326 -2.14 15.80 -39.85
N ALA B 327 -2.44 15.97 -38.56
CA ALA B 327 -1.86 15.11 -37.53
C ALA B 327 -2.89 14.11 -37.03
N THR B 328 -2.50 12.86 -36.93
CA THR B 328 -3.40 11.82 -36.42
C THR B 328 -2.82 11.17 -35.17
N GLY B 329 -3.63 11.16 -34.11
CA GLY B 329 -3.26 10.49 -32.88
C GLY B 329 -4.01 9.19 -32.76
N SER B 330 -3.37 8.18 -32.17
CA SER B 330 -3.96 6.85 -32.09
C SER B 330 -3.74 6.17 -30.75
N TRP B 331 -4.49 5.11 -30.51
CA TRP B 331 -4.35 4.30 -29.31
C TRP B 331 -3.06 3.47 -29.37
N ASP B 332 -2.36 3.54 -30.50
CA ASP B 332 -1.09 2.83 -30.66
C ASP B 332 0.07 3.63 -30.09
N SER B 333 -0.27 4.77 -29.47
CA SER B 333 0.69 5.65 -28.79
C SER B 333 1.53 6.47 -29.78
N PHE B 334 1.09 6.53 -31.03
CA PHE B 334 1.84 7.27 -32.05
C PHE B 334 1.03 8.42 -32.65
N LEU B 335 1.73 9.52 -32.95
CA LEU B 335 1.17 10.61 -33.72
C LEU B 335 1.86 10.66 -35.07
N LYS B 336 1.08 10.77 -36.15
CA LYS B 336 1.65 10.82 -37.48
C LYS B 336 1.24 12.09 -38.22
N ILE B 337 2.19 12.69 -38.92
CA ILE B 337 1.94 13.88 -39.72
C ILE B 337 1.78 13.51 -41.19
N TRP B 338 0.56 13.64 -41.70
CA TRP B 338 0.26 13.28 -43.08
C TRP B 338 0.35 14.50 -43.99
N ASN B 339 0.76 14.26 -45.24
CA ASN B 339 0.95 15.35 -46.18
C ASN B 339 0.89 14.89 -47.64
N SER C 3 -39.60 21.08 -10.85
CA SER C 3 -40.75 20.32 -11.32
C SER C 3 -41.39 20.99 -12.53
N ILE C 4 -41.97 22.18 -12.30
CA ILE C 4 -42.59 22.94 -13.38
C ILE C 4 -41.77 24.20 -13.67
N ALA C 5 -40.87 24.53 -12.75
CA ALA C 5 -39.98 25.66 -12.94
C ALA C 5 -38.97 25.34 -14.05
N GLN C 6 -38.62 24.06 -14.17
CA GLN C 6 -37.73 23.61 -15.23
C GLN C 6 -38.51 23.45 -16.53
N ALA C 7 -39.75 22.99 -16.42
CA ALA C 7 -40.63 22.87 -17.57
C ALA C 7 -40.92 24.25 -18.15
N ARG C 8 -41.10 25.22 -17.26
CA ARG C 8 -41.25 26.61 -17.66
C ARG C 8 -39.97 27.11 -18.30
N LYS C 9 -38.84 26.58 -17.83
CA LYS C 9 -37.52 26.96 -18.33
C LYS C 9 -37.32 26.46 -19.76
N LEU C 10 -37.86 25.28 -20.04
CA LEU C 10 -37.69 24.63 -21.34
C LEU C 10 -38.42 25.36 -22.46
N VAL C 11 -39.67 25.76 -22.21
CA VAL C 11 -40.48 26.40 -23.24
C VAL C 11 -39.95 27.79 -23.57
N GLU C 12 -39.36 28.45 -22.58
CA GLU C 12 -38.78 29.77 -22.79
C GLU C 12 -37.56 29.65 -23.69
N GLN C 13 -36.83 28.55 -23.54
CA GLN C 13 -35.67 28.29 -24.39
C GLN C 13 -36.09 27.98 -25.82
N LEU C 14 -37.13 27.17 -25.96
CA LEU C 14 -37.65 26.81 -27.28
C LEU C 14 -38.19 28.03 -28.02
N LYS C 15 -38.76 28.97 -27.28
CA LYS C 15 -39.28 30.19 -27.87
C LYS C 15 -38.14 31.06 -28.40
N MET C 16 -37.02 31.05 -27.69
CA MET C 16 -35.85 31.83 -28.11
C MET C 16 -35.18 31.17 -29.31
N GLU C 17 -35.26 29.86 -29.40
CA GLU C 17 -34.68 29.12 -30.50
C GLU C 17 -35.61 29.13 -31.71
N ALA C 18 -36.91 29.18 -31.45
CA ALA C 18 -37.91 29.26 -32.50
C ALA C 18 -37.90 30.64 -33.15
N ASN C 19 -37.75 31.67 -32.32
CA ASN C 19 -37.70 33.05 -32.80
C ASN C 19 -36.32 33.40 -33.36
N ILE C 20 -36.02 32.91 -34.56
CA ILE C 20 -34.77 33.23 -35.23
C ILE C 20 -34.99 33.32 -36.75
N ASP C 21 -34.19 34.16 -37.41
CA ASP C 21 -34.28 34.32 -38.85
C ASP C 21 -33.53 33.20 -39.57
N ARG C 22 -34.23 32.50 -40.45
CA ARG C 22 -33.63 31.40 -41.20
C ARG C 22 -33.56 31.72 -42.69
N ILE C 23 -32.46 31.34 -43.32
CA ILE C 23 -32.31 31.55 -44.75
C ILE C 23 -32.58 30.24 -45.49
N LYS C 24 -32.83 30.35 -46.79
CA LYS C 24 -33.06 29.17 -47.62
C LYS C 24 -31.79 28.32 -47.69
N VAL C 25 -31.96 26.99 -47.68
CA VAL C 25 -30.83 26.08 -47.77
C VAL C 25 -30.05 26.26 -49.07
N SER C 26 -30.77 26.65 -50.12
CA SER C 26 -30.13 26.92 -51.41
C SER C 26 -29.15 28.08 -51.27
N LYS C 27 -29.55 29.09 -50.51
CA LYS C 27 -28.69 30.24 -50.24
C LYS C 27 -27.47 29.84 -49.43
N ALA C 28 -27.70 29.13 -48.32
CA ALA C 28 -26.62 28.74 -47.41
C ALA C 28 -25.65 27.77 -48.09
N ALA C 29 -26.17 26.89 -48.93
CA ALA C 29 -25.34 25.90 -49.61
C ALA C 29 -24.44 26.55 -50.66
N ALA C 30 -24.96 27.59 -51.30
CA ALA C 30 -24.20 28.32 -52.31
C ALA C 30 -23.05 29.11 -51.67
N ASP C 31 -23.31 29.68 -50.50
CA ASP C 31 -22.29 30.46 -49.79
C ASP C 31 -21.11 29.56 -49.40
N LEU C 32 -21.41 28.35 -48.98
CA LEU C 32 -20.38 27.39 -48.61
C LEU C 32 -19.54 27.01 -49.81
N MET C 33 -20.21 26.67 -50.91
CA MET C 33 -19.52 26.31 -52.15
C MET C 33 -18.67 27.46 -52.66
N ALA C 34 -19.19 28.68 -52.51
CA ALA C 34 -18.49 29.87 -52.97
C ALA C 34 -17.23 30.09 -52.17
N TYR C 35 -17.28 29.74 -50.88
CA TYR C 35 -16.13 29.89 -50.00
C TYR C 35 -15.04 28.89 -50.38
N CYS C 36 -15.42 27.65 -50.62
CA CYS C 36 -14.48 26.60 -51.00
C CYS C 36 -13.77 26.94 -52.31
N GLU C 37 -14.53 27.45 -53.28
CA GLU C 37 -13.97 27.80 -54.57
C GLU C 37 -12.99 28.96 -54.46
N ALA C 38 -13.29 29.90 -53.57
CA ALA C 38 -12.48 31.10 -53.42
C ALA C 38 -11.22 30.85 -52.59
N HIS C 39 -11.08 29.63 -52.09
CA HIS C 39 -9.94 29.29 -51.25
C HIS C 39 -9.34 27.93 -51.63
N ALA C 40 -9.80 27.38 -52.75
CA ALA C 40 -9.33 26.07 -53.20
C ALA C 40 -7.83 26.11 -53.53
N LYS C 41 -7.34 27.29 -53.87
CA LYS C 41 -5.94 27.46 -54.24
C LYS C 41 -5.03 27.54 -53.02
N GLU C 42 -5.62 27.82 -51.86
CA GLU C 42 -4.85 27.99 -50.63
C GLU C 42 -4.81 26.72 -49.80
N ASP C 43 -5.42 25.66 -50.33
CA ASP C 43 -5.52 24.40 -49.59
C ASP C 43 -4.48 23.38 -50.05
N PRO C 44 -3.42 23.20 -49.25
CA PRO C 44 -2.33 22.27 -49.55
C PRO C 44 -2.74 20.80 -49.49
N LEU C 45 -3.84 20.52 -48.80
CA LEU C 45 -4.35 19.15 -48.71
C LEU C 45 -5.21 18.82 -49.91
N LEU C 46 -5.75 19.87 -50.53
CA LEU C 46 -6.56 19.72 -51.73
C LEU C 46 -5.65 19.58 -52.94
N THR C 47 -4.81 20.58 -53.14
CA THR C 47 -3.82 20.54 -54.20
C THR C 47 -2.42 20.35 -53.63
N PRO C 48 -1.87 19.13 -53.77
CA PRO C 48 -0.53 18.79 -53.29
C PRO C 48 0.52 19.79 -53.76
N VAL C 49 1.19 20.44 -52.81
CA VAL C 49 2.16 21.49 -53.13
C VAL C 49 3.54 20.92 -53.47
N PRO C 50 4.36 21.72 -54.16
CA PRO C 50 5.75 21.35 -54.48
C PRO C 50 6.55 21.08 -53.22
N ALA C 51 7.50 20.16 -53.30
CA ALA C 51 8.34 19.81 -52.15
C ALA C 51 9.12 21.02 -51.65
N SER C 52 9.30 22.01 -52.51
CA SER C 52 10.02 23.23 -52.15
C SER C 52 9.26 24.01 -51.09
N GLU C 53 7.93 23.99 -51.18
CA GLU C 53 7.08 24.77 -50.30
C GLU C 53 6.56 23.93 -49.13
N ASN C 54 6.90 22.65 -49.14
CA ASN C 54 6.48 21.74 -48.08
C ASN C 54 7.50 21.68 -46.95
N PRO C 55 7.12 22.15 -45.76
CA PRO C 55 8.01 22.15 -44.58
C PRO C 55 8.35 20.74 -44.12
N PHE C 56 7.50 19.78 -44.47
CA PHE C 56 7.72 18.39 -44.04
C PHE C 56 8.41 17.57 -45.12
N ARG C 57 8.94 18.24 -46.15
CA ARG C 57 9.68 17.57 -47.20
C ARG C 57 11.02 18.24 -47.48
N GLU C 58 10.98 19.49 -47.95
CA GLU C 58 12.21 20.21 -48.28
C GLU C 58 12.09 21.71 -48.05
N LYS C 59 12.30 22.13 -46.80
CA LYS C 59 12.37 23.56 -46.48
C LYS C 59 13.52 23.84 -45.53
MG MG D . -6.50 -33.51 36.66
C16 W4D E . 13.92 -34.05 22.06
C15 W4D E . 15.13 -33.62 22.55
C17 W4D E . 12.82 -34.06 22.88
C6 W4D E . 19.58 -29.43 27.05
C14 W4D E . 15.24 -33.19 23.85
C18 W4D E . 12.92 -33.64 24.19
C7 W4D E . 19.28 -30.77 27.19
C4 W4D E . 17.36 -29.00 26.33
C20 W4D E . 20.20 -26.51 26.30
C23 W4D E . 18.05 -26.13 26.51
C5 W4D E . 18.62 -28.55 26.63
C19 W4D E . 18.96 -27.17 26.48
C3 W4D E . 17.06 -30.33 26.48
C13 W4D E . 14.13 -33.20 24.67
C8 W4D E . 18.01 -31.22 26.91
C10 W4D E . 16.55 -32.97 26.79
C2 W4D E . 15.71 -30.81 26.17
C12 W4D E . 14.24 -32.74 26.08
N21 W4D E . 20.09 -25.19 26.20
N9 W4D E . 17.74 -32.59 27.06
N22 W4D E . 18.77 -24.99 26.34
N11 W4D E . 15.53 -32.16 26.36
O1 W4D E . 14.87 -30.02 25.80
H32 W4D E . 13.83 -34.40 21.04
H31 W4D E . 16.00 -33.62 21.90
H33 W4D E . 11.85 -34.41 22.51
H25 W4D E . 20.58 -29.08 27.28
H30 W4D E . 16.19 -32.85 24.23
H34 W4D E . 12.05 -33.64 24.84
H26 W4D E . 20.03 -31.47 27.53
H24 W4D E . 16.60 -28.30 26.00
H35 W4D E . 21.18 -26.96 26.21
H37 W4D E . 16.98 -26.11 26.63
H27 W4D E . 16.25 -34.03 26.88
H29 W4D E . 14.10 -33.59 26.76
H28 W4D E . 13.47 -31.99 26.29
H36 W4D E . 18.42 -24.03 26.31
#